data_7UYZ
#
_entry.id   7UYZ
#
_cell.length_a   78.341
_cell.length_b   98.515
_cell.length_c   142.695
_cell.angle_alpha   90.000
_cell.angle_beta   90.000
_cell.angle_gamma   90.000
#
_symmetry.space_group_name_H-M   'P 21 21 21'
#
loop_
_entity.id
_entity.type
_entity.pdbx_description
1 polymer 'Cyclic GMP-AMP synthase'
2 polymer 'Palindromic DNA18'
3 non-polymer 'MAGNESIUM ION'
4 non-polymer 'ZINC ION'
5 non-polymer "GUANOSINE-5'-MONOPHOSPHATE"
6 non-polymer "GUANOSINE-5'-TRIPHOSPHATE"
7 water water
#
loop_
_entity_poly.entity_id
_entity_poly.type
_entity_poly.pdbx_seq_one_letter_code
_entity_poly.pdbx_strand_id
1 'polypeptide(L)'
;GTGPDKLKKVLDKLRLKRKDISEAAETVNKVVERLLRRMQKRESEFKGVEQLNTGSYYEHVKISAPNEFDVMFKLEVPRI
ELQEYYETGAFYLVKFKRIPRGNPLSHFLEGEVLSATKMLSKFRKIIKEEVKEIKDIDVSVEKEKPGSPAVTLLIRNPEE
ISVDIILALESKGSWPISTKEGLPIQGWLGTKVRTNLRREPFYLVPKNAKDGNSFQGETWRLSFSHTEKYILNNHGIEKT
CCESSGAKCCRKECLKLMKYLLEQLKKEFQELDAFCSYHVKTAIFHMWTQDPQDSQWDPRNLSSCFDKLLAFFLECLRTE
KLDHYFIPKFNLFSQELIDRKSKEFLSKKIEYERNNGFPIFDKL
;
A,C
2 'polydeoxyribonucleotide' (DA)(DT)(DC)(DT)(DG)(DT)(DA)(DC)(DA)(DT)(DG)(DT)(DA)(DC)(DA)(DG)(DA)(DT) E,F,I,J
#
loop_
_chem_comp.id
_chem_comp.type
_chem_comp.name
_chem_comp.formula
5GP non-polymer GUANOSINE-5'-MONOPHOSPHATE 'C10 H14 N5 O8 P'
DA DNA linking 2'-DEOXYADENOSINE-5'-MONOPHOSPHATE 'C10 H14 N5 O6 P'
DC DNA linking 2'-DEOXYCYTIDINE-5'-MONOPHOSPHATE 'C9 H14 N3 O7 P'
DG DNA linking 2'-DEOXYGUANOSINE-5'-MONOPHOSPHATE 'C10 H14 N5 O7 P'
DT DNA linking THYMIDINE-5'-MONOPHOSPHATE 'C10 H15 N2 O8 P'
GTP non-polymer GUANOSINE-5'-TRIPHOSPHATE 'C10 H16 N5 O14 P3'
MG non-polymer 'MAGNESIUM ION' 'Mg 2'
ZN non-polymer 'ZINC ION' 'Zn 2'
#
# COMPACT_ATOMS: atom_id res chain seq x y z
N LYS A 6 -18.28 8.15 -30.07
CA LYS A 6 -19.18 9.25 -29.57
C LYS A 6 -18.47 9.96 -28.40
N LEU A 7 -18.72 9.49 -27.17
CA LEU A 7 -17.93 9.85 -25.99
C LEU A 7 -16.49 9.34 -26.15
N LYS A 8 -16.33 8.16 -26.76
CA LYS A 8 -15.04 7.64 -27.18
C LYS A 8 -14.27 8.65 -28.01
N LYS A 9 -14.92 9.21 -29.02
CA LYS A 9 -14.28 10.21 -29.89
C LYS A 9 -13.98 11.55 -29.21
N VAL A 10 -14.79 11.93 -28.22
CA VAL A 10 -14.49 13.09 -27.38
C VAL A 10 -13.20 12.84 -26.56
N LEU A 11 -13.10 11.67 -25.93
CA LEU A 11 -11.88 11.27 -25.20
C LEU A 11 -10.64 11.29 -26.11
N ASP A 12 -10.80 10.90 -27.38
CA ASP A 12 -9.74 11.01 -28.37
C ASP A 12 -9.26 12.45 -28.51
N LYS A 13 -10.20 13.38 -28.57
CA LYS A 13 -9.86 14.80 -28.63
C LYS A 13 -9.13 15.25 -27.37
N LEU A 14 -9.63 14.82 -26.20
CA LEU A 14 -9.10 15.21 -24.89
C LEU A 14 -7.70 14.65 -24.59
N ARG A 15 -7.37 13.50 -25.19
CA ARG A 15 -6.09 12.79 -25.01
C ARG A 15 -4.90 13.71 -25.29
N LEU A 16 -3.99 13.85 -24.32
CA LEU A 16 -2.72 14.55 -24.50
C LEU A 16 -1.79 13.79 -25.40
N LYS A 17 -0.83 14.51 -25.98
CA LYS A 17 0.11 14.00 -26.96
C LYS A 17 1.51 13.92 -26.35
N ARG A 18 2.21 12.82 -26.62
CA ARG A 18 3.59 12.55 -26.12
C ARG A 18 4.49 13.74 -26.42
N LYS A 19 4.39 14.32 -27.62
CA LYS A 19 5.22 15.43 -28.07
C LYS A 19 5.06 16.64 -27.15
N ASP A 20 3.80 17.03 -26.90
CA ASP A 20 3.44 18.17 -26.06
C ASP A 20 3.82 17.94 -24.60
N ILE A 21 3.55 16.71 -24.12
CA ILE A 21 3.92 16.26 -22.78
C ILE A 21 5.43 16.46 -22.56
N SER A 22 6.23 15.96 -23.50
CA SER A 22 7.71 16.03 -23.46
C SER A 22 8.20 17.48 -23.39
N GLU A 23 7.72 18.30 -24.31
CA GLU A 23 8.11 19.70 -24.40
C GLU A 23 7.66 20.54 -23.20
N ALA A 24 6.46 20.28 -22.68
CA ALA A 24 5.93 20.99 -21.52
C ALA A 24 6.71 20.63 -20.25
N ALA A 25 6.90 19.31 -20.03
CA ALA A 25 7.57 18.80 -18.85
C ALA A 25 9.04 19.22 -18.73
N GLU A 26 9.78 19.21 -19.85
CA GLU A 26 11.20 19.57 -19.83
C GLU A 26 11.36 20.97 -19.25
N THR A 27 10.54 21.89 -19.75
CA THR A 27 10.57 23.30 -19.36
C THR A 27 10.08 23.50 -17.92
N VAL A 28 8.98 22.82 -17.56
CA VAL A 28 8.38 22.94 -16.23
C VAL A 28 9.35 22.41 -15.18
N ASN A 29 10.01 21.29 -15.49
CA ASN A 29 10.89 20.67 -14.50
C ASN A 29 12.13 21.50 -14.21
N LYS A 30 12.70 22.13 -15.25
CA LYS A 30 13.80 23.07 -15.09
C LYS A 30 13.42 24.16 -14.08
N VAL A 31 12.28 24.81 -14.30
CA VAL A 31 11.87 25.94 -13.50
C VAL A 31 11.63 25.54 -12.05
N VAL A 32 10.84 24.47 -11.86
CA VAL A 32 10.54 23.94 -10.52
C VAL A 32 11.81 23.53 -9.77
N GLU A 33 12.65 22.73 -10.42
CA GLU A 33 13.96 22.32 -9.91
C GLU A 33 14.73 23.54 -9.37
N ARG A 34 14.77 24.59 -10.17
CA ARG A 34 15.51 25.84 -9.86
C ARG A 34 14.88 26.57 -8.67
N LEU A 35 13.55 26.64 -8.62
CA LEU A 35 12.85 27.26 -7.50
C LEU A 35 13.10 26.47 -6.22
N LEU A 36 12.98 25.14 -6.30
CA LEU A 36 13.17 24.26 -5.14
C LEU A 36 14.59 24.43 -4.55
N ARG A 37 15.60 24.50 -5.42
CA ARG A 37 17.03 24.65 -5.03
C ARG A 37 17.24 25.99 -4.32
N ARG A 38 16.57 27.06 -4.78
CA ARG A 38 16.71 28.43 -4.23
C ARG A 38 16.04 28.52 -2.85
N MET A 39 14.97 27.76 -2.60
CA MET A 39 14.37 27.71 -1.27
C MET A 39 15.34 27.10 -0.25
N GLN A 40 16.32 26.33 -0.73
CA GLN A 40 17.26 25.60 0.11
C GLN A 40 18.51 26.37 0.46
N LYS A 41 18.54 27.69 0.21
CA LYS A 41 19.67 28.55 0.58
C LYS A 41 19.88 28.54 2.09
N ARG A 42 21.09 28.93 2.51
CA ARG A 42 21.50 29.07 3.92
C ARG A 42 20.46 29.91 4.66
N GLU A 43 20.25 31.17 4.24
CA GLU A 43 19.34 32.13 4.91
C GLU A 43 17.87 31.73 4.94
N SER A 44 17.41 31.17 3.82
CA SER A 44 16.01 30.92 3.54
C SER A 44 15.21 30.28 4.69
N GLU A 45 14.07 30.90 5.04
CA GLU A 45 13.17 30.42 6.07
C GLU A 45 12.43 29.14 5.64
N PHE A 46 12.50 28.83 4.34
CA PHE A 46 11.84 27.68 3.75
C PHE A 46 12.81 26.56 3.40
N LYS A 47 14.04 26.66 3.90
CA LYS A 47 15.02 25.59 3.78
C LYS A 47 14.41 24.34 4.43
N GLY A 48 14.52 23.20 3.74
CA GLY A 48 13.88 21.96 4.14
C GLY A 48 12.62 21.62 3.36
N VAL A 49 12.10 22.59 2.59
CA VAL A 49 10.93 22.42 1.75
C VAL A 49 11.18 21.27 0.77
N GLU A 50 10.14 20.48 0.50
CA GLU A 50 10.18 19.31 -0.39
C GLU A 50 9.08 19.36 -1.45
N GLN A 51 9.36 18.78 -2.62
CA GLN A 51 8.49 18.85 -3.76
C GLN A 51 7.51 17.72 -3.73
N LEU A 52 6.27 18.04 -4.06
CA LEU A 52 5.19 17.07 -4.16
C LEU A 52 4.31 17.43 -5.35
N ASN A 53 4.37 16.61 -6.40
CA ASN A 53 3.61 16.85 -7.59
C ASN A 53 2.20 16.32 -7.44
N THR A 54 1.22 17.20 -7.72
CA THR A 54 -0.20 16.94 -7.49
C THR A 54 -1.07 17.40 -8.66
N GLY A 55 -2.36 17.07 -8.57
CA GLY A 55 -3.35 17.53 -9.54
C GLY A 55 -3.45 16.65 -10.76
N SER A 56 -4.24 17.11 -11.73
CA SER A 56 -4.62 16.39 -12.94
C SER A 56 -3.49 15.71 -13.64
N TYR A 57 -2.43 16.48 -13.93
CA TYR A 57 -1.34 16.03 -14.83
C TYR A 57 -0.71 14.78 -14.22
N TYR A 58 -0.45 14.82 -12.93
CA TYR A 58 0.24 13.74 -12.16
C TYR A 58 -0.77 12.65 -11.82
N GLU A 59 -2.07 12.94 -11.87
CA GLU A 59 -3.14 11.95 -11.74
C GLU A 59 -3.55 11.27 -13.08
N HIS A 60 -2.96 11.71 -14.18
CA HIS A 60 -3.33 11.31 -15.56
C HIS A 60 -4.79 11.54 -15.92
N VAL A 61 -5.37 12.63 -15.39
CA VAL A 61 -6.69 13.12 -15.83
C VAL A 61 -6.66 14.56 -16.39
N LYS A 62 -5.47 15.06 -16.74
CA LYS A 62 -5.36 16.35 -17.41
C LYS A 62 -5.91 16.16 -18.81
N ILE A 63 -6.75 17.11 -19.26
CA ILE A 63 -7.36 17.04 -20.59
C ILE A 63 -6.92 18.14 -21.53
N SER A 64 -7.05 17.87 -22.83
CA SER A 64 -6.89 18.81 -23.95
C SER A 64 -5.44 19.20 -24.27
N ALA A 65 -4.70 19.64 -23.26
CA ALA A 65 -3.28 19.98 -23.41
C ALA A 65 -2.56 19.93 -22.06
N PRO A 66 -1.23 19.71 -22.04
CA PRO A 66 -0.45 19.76 -20.81
C PRO A 66 -0.03 21.19 -20.47
N ASN A 67 -0.99 22.00 -20.03
CA ASN A 67 -0.81 23.45 -19.88
C ASN A 67 -1.06 23.99 -18.49
N GLU A 68 -1.31 23.09 -17.53
CA GLU A 68 -1.49 23.46 -16.15
C GLU A 68 -0.94 22.34 -15.28
N PHE A 69 -0.04 22.71 -14.37
CA PHE A 69 0.72 21.81 -13.50
C PHE A 69 0.63 22.32 -12.08
N ASP A 70 0.43 21.42 -11.13
CA ASP A 70 0.35 21.78 -9.72
C ASP A 70 1.46 21.09 -8.93
N VAL A 71 2.20 21.90 -8.15
CA VAL A 71 3.31 21.44 -7.33
C VAL A 71 3.22 22.02 -5.93
N MET A 72 3.36 21.13 -4.94
CA MET A 72 3.41 21.55 -3.54
C MET A 72 4.85 21.63 -3.09
N PHE A 73 5.23 22.78 -2.53
CA PHE A 73 6.45 22.96 -1.78
C PHE A 73 5.99 22.86 -0.34
N LYS A 74 6.21 21.68 0.26
CA LYS A 74 5.71 21.32 1.58
C LYS A 74 6.85 21.37 2.58
N LEU A 75 6.56 21.89 3.78
CA LEU A 75 7.55 22.14 4.81
C LEU A 75 7.12 21.49 6.13
N GLU A 76 7.94 20.55 6.65
CA GLU A 76 7.64 19.88 7.90
C GLU A 76 7.69 20.90 9.02
N VAL A 77 6.60 20.98 9.77
CA VAL A 77 6.46 21.91 10.87
C VAL A 77 6.15 21.09 12.11
N PRO A 78 7.20 20.66 12.86
CA PRO A 78 6.99 19.82 14.03
C PRO A 78 6.20 20.61 15.08
N ARG A 79 5.70 19.92 16.12
CA ARG A 79 5.18 20.57 17.36
C ARG A 79 4.24 21.72 16.96
N ILE A 80 3.05 21.37 16.47
CA ILE A 80 2.12 22.32 15.89
C ILE A 80 0.80 22.11 16.63
N GLU A 81 0.14 23.22 17.02
CA GLU A 81 -1.18 23.18 17.63
C GLU A 81 -2.22 23.86 16.74
N LEU A 82 -3.32 23.16 16.48
CA LEU A 82 -4.39 23.64 15.64
C LEU A 82 -5.55 24.10 16.49
N GLN A 83 -6.18 25.20 16.07
CA GLN A 83 -7.48 25.58 16.57
C GLN A 83 -8.35 25.71 15.35
N GLU A 84 -9.51 25.05 15.38
CA GLU A 84 -10.47 25.10 14.28
C GLU A 84 -11.10 26.48 14.26
N TYR A 85 -11.20 27.06 13.07
CA TYR A 85 -11.77 28.41 12.83
C TYR A 85 -13.29 28.28 12.80
N TYR A 86 -13.96 28.70 13.88
CA TYR A 86 -15.43 28.61 14.11
C TYR A 86 -16.05 27.40 13.38
N GLU A 87 -15.68 26.17 13.72
CA GLU A 87 -16.44 24.98 13.32
C GLU A 87 -16.70 24.79 11.81
N THR A 88 -15.84 25.36 10.96
CA THR A 88 -15.94 25.26 9.51
C THR A 88 -15.36 23.97 8.92
N GLY A 89 -14.56 23.26 9.72
CA GLY A 89 -14.01 21.96 9.34
C GLY A 89 -12.69 21.99 8.61
N ALA A 90 -12.58 22.92 7.66
CA ALA A 90 -11.45 23.00 6.74
C ALA A 90 -10.41 24.04 7.11
N PHE A 91 -10.80 25.04 7.91
CA PHE A 91 -9.98 26.20 8.19
C PHE A 91 -9.52 26.21 9.64
N TYR A 92 -8.23 26.55 9.86
CA TYR A 92 -7.52 26.46 11.16
C TYR A 92 -6.58 27.65 11.36
N LEU A 93 -6.34 28.01 12.62
CA LEU A 93 -5.18 28.79 13.04
C LEU A 93 -4.13 27.78 13.46
N VAL A 94 -2.87 28.10 13.15
CA VAL A 94 -1.73 27.27 13.45
C VAL A 94 -0.90 27.98 14.52
N LYS A 95 -0.37 27.20 15.48
CA LYS A 95 0.29 27.76 16.66
C LYS A 95 1.56 27.03 17.10
N PHE A 96 2.37 27.75 17.87
CA PHE A 96 3.57 27.24 18.54
C PHE A 96 3.54 27.60 20.04
N GLY A 102 15.73 30.55 17.66
CA GLY A 102 15.77 31.11 16.32
C GLY A 102 15.19 30.18 15.25
N ASN A 103 13.95 29.70 15.48
CA ASN A 103 13.15 28.91 14.52
C ASN A 103 13.03 29.66 13.20
N PRO A 104 13.34 29.02 12.04
CA PRO A 104 13.35 29.72 10.75
C PRO A 104 12.09 30.57 10.49
N LEU A 105 10.95 30.23 11.10
CA LEU A 105 9.68 30.92 10.88
C LEU A 105 9.43 32.14 11.80
N SER A 106 10.46 32.54 12.55
CA SER A 106 10.40 33.62 13.52
C SER A 106 9.56 34.77 13.02
N HIS A 107 9.97 35.34 11.87
CA HIS A 107 9.44 36.59 11.33
C HIS A 107 8.00 36.51 10.82
N PHE A 108 7.38 35.34 10.92
CA PHE A 108 5.99 35.14 10.53
C PHE A 108 5.07 35.03 11.74
N LEU A 109 5.64 34.72 12.91
CA LEU A 109 4.91 34.62 14.17
C LEU A 109 4.24 35.95 14.59
N GLU A 110 3.01 35.85 15.13
CA GLU A 110 2.31 36.95 15.81
C GLU A 110 1.88 36.42 17.16
N GLY A 111 2.72 36.60 18.17
CA GLY A 111 2.64 35.85 19.41
C GLY A 111 2.93 34.40 19.03
N GLU A 112 1.97 33.50 19.28
CA GLU A 112 2.11 32.09 18.90
C GLU A 112 1.38 31.72 17.60
N VAL A 113 0.85 32.73 16.89
CA VAL A 113 0.06 32.50 15.68
C VAL A 113 0.91 32.67 14.42
N LEU A 114 0.87 31.66 13.55
CA LEU A 114 1.60 31.68 12.31
C LEU A 114 0.77 32.37 11.24
N SER A 115 1.22 33.55 10.82
CA SER A 115 0.57 34.31 9.76
C SER A 115 0.80 33.67 8.38
N ALA A 116 -0.26 33.11 7.81
CA ALA A 116 -0.30 32.57 6.46
C ALA A 116 0.16 33.60 5.42
N THR A 117 -0.37 34.83 5.50
CA THR A 117 -0.06 35.85 4.50
C THR A 117 1.38 36.35 4.58
N LYS A 118 1.94 36.46 5.79
CA LYS A 118 3.35 36.82 5.94
C LYS A 118 4.25 35.74 5.34
N MET A 119 3.99 34.48 5.69
CA MET A 119 4.80 33.40 5.17
C MET A 119 4.68 33.32 3.64
N LEU A 120 3.43 33.40 3.14
CA LEU A 120 3.15 33.40 1.70
C LEU A 120 3.82 34.55 0.98
N SER A 121 3.78 35.73 1.59
CA SER A 121 4.44 36.91 1.03
C SER A 121 5.93 36.71 0.78
N LYS A 122 6.62 36.10 1.75
CA LYS A 122 8.07 35.92 1.64
C LYS A 122 8.39 34.82 0.64
N PHE A 123 7.64 33.72 0.72
CA PHE A 123 7.69 32.64 -0.25
C PHE A 123 7.59 33.25 -1.64
N ARG A 124 6.53 34.03 -1.83
CA ARG A 124 6.19 34.74 -3.09
C ARG A 124 7.36 35.65 -3.50
N LYS A 125 7.83 36.49 -2.58
CA LYS A 125 8.96 37.40 -2.83
C LYS A 125 10.19 36.67 -3.38
N ILE A 126 10.55 35.56 -2.72
CA ILE A 126 11.69 34.74 -3.12
C ILE A 126 11.48 34.22 -4.53
N ILE A 127 10.36 33.55 -4.77
CA ILE A 127 10.06 33.02 -6.09
C ILE A 127 10.23 34.09 -7.19
N LYS A 128 9.67 35.28 -6.96
CA LYS A 128 9.71 36.36 -7.94
C LYS A 128 11.14 36.76 -8.25
N GLU A 129 11.95 36.94 -7.20
CA GLU A 129 13.37 37.21 -7.34
C GLU A 129 14.04 36.15 -8.22
N GLU A 130 13.86 34.88 -7.88
CA GLU A 130 14.48 33.80 -8.64
C GLU A 130 14.07 33.72 -10.11
N VAL A 131 12.79 34.02 -10.40
CA VAL A 131 12.28 34.02 -11.77
C VAL A 131 12.98 35.07 -12.64
N LYS A 132 13.34 36.21 -12.04
CA LYS A 132 14.12 37.25 -12.73
C LYS A 132 15.45 36.72 -13.26
N GLU A 133 16.08 35.80 -12.52
CA GLU A 133 17.40 35.26 -12.89
C GLU A 133 17.35 34.26 -14.06
N ILE A 134 16.17 33.71 -14.35
CA ILE A 134 15.99 32.79 -15.48
C ILE A 134 15.92 33.59 -16.78
N LYS A 135 16.90 33.43 -17.68
CA LYS A 135 16.90 34.07 -19.00
C LYS A 135 16.94 33.11 -20.22
N ASP A 136 16.71 31.81 -20.00
CA ASP A 136 16.58 30.83 -21.09
C ASP A 136 15.13 30.30 -21.28
N ILE A 137 14.24 30.72 -20.38
CA ILE A 137 12.82 30.40 -20.43
C ILE A 137 12.04 31.70 -20.30
N ASP A 138 10.99 31.83 -21.11
CA ASP A 138 10.10 32.96 -21.02
C ASP A 138 9.08 32.60 -19.94
N VAL A 139 9.26 33.15 -18.74
CA VAL A 139 8.43 32.83 -17.59
C VAL A 139 8.31 34.01 -16.63
N SER A 140 7.06 34.39 -16.32
CA SER A 140 6.75 35.43 -15.34
C SER A 140 5.85 34.89 -14.21
N VAL A 141 5.68 35.69 -13.16
CA VAL A 141 4.81 35.37 -12.06
C VAL A 141 3.51 36.15 -12.25
N GLU A 142 2.39 35.42 -12.20
CA GLU A 142 1.07 35.99 -12.40
C GLU A 142 0.76 36.87 -11.19
N LYS A 143 0.02 37.96 -11.46
CA LYS A 143 -0.58 38.79 -10.42
C LYS A 143 -1.34 37.91 -9.42
N GLU A 144 -1.09 38.15 -8.12
CA GLU A 144 -1.75 37.42 -7.04
C GLU A 144 -3.26 37.58 -7.16
N LYS A 145 -3.95 36.45 -7.18
CA LYS A 145 -5.39 36.36 -7.13
C LYS A 145 -5.77 36.11 -5.68
N PRO A 146 -6.67 36.94 -5.09
CA PRO A 146 -7.13 36.72 -3.72
C PRO A 146 -7.91 35.40 -3.64
N GLY A 147 -7.86 34.74 -2.48
CA GLY A 147 -8.44 33.43 -2.28
C GLY A 147 -7.54 32.31 -2.73
N SER A 148 -6.34 32.62 -3.26
CA SER A 148 -5.43 31.59 -3.76
C SER A 148 -4.18 31.36 -2.90
N PRO A 149 -3.85 30.09 -2.58
CA PRO A 149 -2.61 29.78 -1.87
C PRO A 149 -1.38 29.68 -2.79
N ALA A 150 -1.57 29.95 -4.09
CA ALA A 150 -0.61 29.55 -5.12
C ALA A 150 0.19 30.72 -5.58
N VAL A 151 1.47 30.49 -5.90
CA VAL A 151 2.25 31.40 -6.71
C VAL A 151 2.25 30.82 -8.11
N THR A 152 1.59 31.51 -9.04
CA THR A 152 1.31 30.96 -10.35
C THR A 152 2.28 31.52 -11.38
N LEU A 153 2.96 30.59 -12.06
CA LEU A 153 3.94 30.90 -13.08
C LEU A 153 3.30 30.79 -14.44
N LEU A 154 3.56 31.76 -15.31
CA LEU A 154 3.08 31.77 -16.69
C LEU A 154 4.29 31.59 -17.59
N ILE A 155 4.39 30.40 -18.18
CA ILE A 155 5.48 30.04 -19.10
C ILE A 155 4.95 30.11 -20.52
N ARG A 156 5.71 30.77 -21.39
CA ARG A 156 5.50 30.81 -22.86
C ARG A 156 6.58 29.95 -23.51
N ASN A 157 6.19 28.75 -23.97
CA ASN A 157 7.10 27.68 -24.38
C ASN A 157 7.43 27.41 -25.86
N PRO A 158 6.79 28.01 -26.88
CA PRO A 158 5.93 29.19 -26.79
C PRO A 158 4.52 29.00 -26.22
N GLU A 159 3.82 27.89 -26.52
CA GLU A 159 2.49 27.58 -25.93
C GLU A 159 2.38 27.94 -24.45
N GLU A 160 1.21 28.42 -24.03
CA GLU A 160 1.00 28.89 -22.66
C GLU A 160 0.81 27.74 -21.63
N ILE A 161 1.59 27.80 -20.54
CA ILE A 161 1.57 26.82 -19.46
C ILE A 161 1.57 27.55 -18.12
N SER A 162 0.57 27.25 -17.27
CA SER A 162 0.56 27.71 -15.88
C SER A 162 1.14 26.65 -14.95
N VAL A 163 1.93 27.11 -13.97
CA VAL A 163 2.34 26.26 -12.84
C VAL A 163 1.96 26.93 -11.52
N ASP A 164 1.09 26.26 -10.75
CA ASP A 164 0.75 26.70 -9.42
C ASP A 164 1.82 26.12 -8.49
N ILE A 165 2.59 27.00 -7.83
CA ILE A 165 3.47 26.60 -6.76
C ILE A 165 2.74 26.87 -5.44
N ILE A 166 2.39 25.78 -4.75
CA ILE A 166 1.52 25.83 -3.60
C ILE A 166 2.33 25.56 -2.32
N LEU A 167 2.49 26.62 -1.52
CA LEU A 167 3.11 26.53 -0.21
C LEU A 167 2.24 25.71 0.70
N ALA A 168 2.83 24.74 1.40
CA ALA A 168 2.09 23.89 2.33
C ALA A 168 2.90 23.58 3.58
N LEU A 169 2.24 23.69 4.73
CA LEU A 169 2.75 23.12 5.98
C LEU A 169 2.44 21.64 6.03
N GLU A 170 3.44 20.84 6.42
CA GLU A 170 3.31 19.41 6.66
C GLU A 170 3.32 19.08 8.16
N SER A 171 2.21 18.53 8.66
CA SER A 171 2.15 17.96 9.99
C SER A 171 2.02 16.45 9.90
N LYS A 172 2.86 15.75 10.68
CA LYS A 172 2.90 14.28 10.68
C LYS A 172 1.99 13.63 11.73
N GLY A 173 1.37 14.45 12.58
CA GLY A 173 0.44 13.93 13.58
C GLY A 173 -0.84 13.40 12.97
N SER A 174 -1.70 12.85 13.84
CA SER A 174 -2.98 12.33 13.41
C SER A 174 -3.83 13.50 12.83
N TRP A 175 -4.58 13.18 11.78
CA TRP A 175 -5.42 14.12 11.07
C TRP A 175 -6.41 14.76 12.03
N PRO A 176 -6.84 16.02 11.77
CA PRO A 176 -7.80 16.70 12.66
C PRO A 176 -9.16 15.98 12.72
N ILE A 177 -9.82 16.06 13.88
CA ILE A 177 -11.06 15.32 14.14
C ILE A 177 -12.20 15.61 13.16
N SER A 178 -12.18 16.79 12.55
CA SER A 178 -13.10 17.13 11.49
C SER A 178 -13.09 16.11 10.33
N THR A 179 -12.01 15.33 10.20
CA THR A 179 -11.85 14.33 9.14
C THR A 179 -12.14 12.89 9.58
N LYS A 180 -12.56 12.73 10.84
CA LYS A 180 -12.80 11.42 11.43
C LYS A 180 -13.72 10.55 10.57
N GLU A 181 -14.83 11.14 10.10
CA GLU A 181 -15.86 10.46 9.33
C GLU A 181 -15.70 10.65 7.85
N GLY A 182 -14.58 11.26 7.44
CA GLY A 182 -14.30 11.51 6.03
C GLY A 182 -13.63 10.29 5.44
N LEU A 183 -13.26 10.41 4.16
CA LEU A 183 -12.56 9.35 3.44
C LEU A 183 -13.27 8.00 3.62
N PRO A 184 -14.57 7.93 3.24
CA PRO A 184 -15.39 6.73 3.48
C PRO A 184 -15.19 5.63 2.42
N ILE A 185 -13.95 5.15 2.30
CA ILE A 185 -13.52 4.19 1.30
C ILE A 185 -13.57 2.70 1.74
N GLN A 186 -14.11 2.43 2.94
CA GLN A 186 -14.12 1.08 3.57
C GLN A 186 -14.71 -0.03 2.71
N GLY A 187 -15.78 0.29 1.97
CA GLY A 187 -16.48 -0.67 1.12
C GLY A 187 -15.95 -0.70 -0.28
N TRP A 188 -14.95 0.16 -0.54
CA TRP A 188 -14.40 0.35 -1.88
C TRP A 188 -12.91 -0.01 -1.90
N LEU A 189 -12.07 0.78 -1.23
CA LEU A 189 -10.63 0.53 -1.13
C LEU A 189 -10.24 -0.21 0.14
N GLY A 190 -11.10 -0.14 1.18
CA GLY A 190 -10.97 -0.94 2.37
C GLY A 190 -10.35 -0.27 3.59
N THR A 191 -10.43 -0.98 4.73
CA THR A 191 -9.93 -0.52 6.00
C THR A 191 -8.41 -0.39 6.10
N LYS A 192 -7.69 -1.36 5.53
CA LYS A 192 -6.23 -1.31 5.52
C LYS A 192 -5.72 -0.11 4.69
N VAL A 193 -6.29 0.08 3.50
CA VAL A 193 -5.90 1.22 2.68
C VAL A 193 -6.19 2.54 3.43
N ARG A 194 -7.38 2.66 4.02
CA ARG A 194 -7.79 3.88 4.77
C ARG A 194 -6.85 4.11 5.96
N THR A 195 -6.58 3.09 6.78
CA THR A 195 -5.67 3.24 7.89
C THR A 195 -4.28 3.72 7.44
N ASN A 196 -3.76 3.12 6.37
CA ASN A 196 -2.45 3.51 5.85
C ASN A 196 -2.46 4.94 5.34
N LEU A 197 -3.51 5.32 4.59
CA LEU A 197 -3.64 6.68 4.10
C LEU A 197 -3.65 7.72 5.26
N ARG A 198 -4.35 7.41 6.35
CA ARG A 198 -4.52 8.34 7.51
C ARG A 198 -3.24 8.38 8.35
N ARG A 199 -2.26 7.52 8.06
CA ARG A 199 -0.92 7.53 8.72
C ARG A 199 0.05 8.42 7.95
N GLU A 200 -0.30 8.82 6.73
CA GLU A 200 0.46 9.84 5.97
C GLU A 200 0.24 11.19 6.65
N PRO A 201 1.10 12.19 6.41
CA PRO A 201 0.88 13.53 6.94
C PRO A 201 -0.36 14.21 6.35
N PHE A 202 -0.79 15.32 6.97
CA PHE A 202 -1.80 16.20 6.41
C PHE A 202 -1.19 17.57 6.15
N TYR A 203 -1.81 18.33 5.24
CA TYR A 203 -1.21 19.56 4.66
C TYR A 203 -2.11 20.76 4.93
N LEU A 204 -1.50 21.90 5.22
CA LEU A 204 -2.19 23.15 5.46
C LEU A 204 -1.62 24.15 4.48
N VAL A 205 -2.52 24.80 3.74
CA VAL A 205 -2.15 25.77 2.73
C VAL A 205 -2.83 27.07 3.15
N PRO A 206 -2.25 28.25 2.83
CA PRO A 206 -2.85 29.52 3.27
C PRO A 206 -4.20 29.76 2.58
N LYS A 207 -5.30 29.97 3.31
CA LYS A 207 -6.57 30.30 2.65
C LYS A 207 -6.58 31.71 2.08
N ASN A 208 -5.86 32.63 2.76
CA ASN A 208 -5.61 34.00 2.28
C ASN A 208 -6.58 34.58 1.22
N ALA A 209 -7.71 35.12 1.70
CA ALA A 209 -8.63 35.95 0.93
C ALA A 209 -8.67 37.30 1.63
N LYS A 210 -9.27 38.30 0.98
CA LYS A 210 -9.51 39.60 1.62
C LYS A 210 -11.02 39.82 1.83
N ASP A 211 -11.64 38.87 2.52
CA ASP A 211 -13.05 38.92 2.91
C ASP A 211 -13.34 39.79 4.16
N GLY A 212 -12.40 40.67 4.52
CA GLY A 212 -12.49 41.49 5.71
C GLY A 212 -12.67 40.82 7.06
N ASN A 213 -12.60 39.48 7.10
CA ASN A 213 -12.95 38.72 8.31
C ASN A 213 -11.84 38.62 9.34
N SER A 214 -12.22 38.32 10.58
CA SER A 214 -11.29 38.16 11.67
C SER A 214 -10.38 36.96 11.41
N PHE A 215 -9.09 37.12 11.74
CA PHE A 215 -8.06 36.12 11.60
C PHE A 215 -7.72 35.82 10.13
N GLN A 216 -8.28 36.59 9.18
CA GLN A 216 -7.84 36.55 7.78
C GLN A 216 -6.33 36.84 7.76
N GLY A 217 -5.61 36.07 6.96
CA GLY A 217 -4.16 36.20 6.89
C GLY A 217 -3.41 35.34 7.91
N GLU A 218 -4.10 34.83 8.92
CA GLU A 218 -3.57 33.79 9.81
C GLU A 218 -4.32 32.44 9.66
N THR A 219 -5.31 32.39 8.77
CA THR A 219 -6.11 31.20 8.54
C THR A 219 -5.46 30.33 7.47
N TRP A 220 -5.36 29.03 7.74
CA TRP A 220 -4.87 28.03 6.79
C TRP A 220 -6.01 27.07 6.47
N ARG A 221 -5.92 26.36 5.33
CA ARG A 221 -6.93 25.36 4.87
C ARG A 221 -6.24 24.00 4.68
N LEU A 222 -6.93 22.91 5.03
CA LEU A 222 -6.45 21.56 4.80
C LEU A 222 -6.36 21.25 3.33
N SER A 223 -5.35 20.46 2.96
CA SER A 223 -5.20 19.89 1.61
C SER A 223 -4.86 18.40 1.75
N PHE A 224 -5.52 17.58 0.94
CA PHE A 224 -5.34 16.14 0.88
C PHE A 224 -5.03 15.70 -0.56
N SER A 225 -4.36 16.59 -1.32
CA SER A 225 -3.97 16.34 -2.68
C SER A 225 -3.11 15.11 -2.84
N HIS A 226 -2.27 14.84 -1.85
CA HIS A 226 -1.44 13.62 -1.85
C HIS A 226 -2.29 12.36 -1.79
N THR A 227 -3.33 12.40 -0.96
CA THR A 227 -4.25 11.28 -0.79
C THR A 227 -5.11 11.09 -2.05
N GLU A 228 -5.55 12.21 -2.62
CA GLU A 228 -6.35 12.20 -3.84
C GLU A 228 -5.60 11.61 -5.02
N LYS A 229 -4.30 11.91 -5.11
CA LYS A 229 -3.40 11.35 -6.10
C LYS A 229 -3.31 9.82 -5.99
N TYR A 230 -3.07 9.33 -4.78
CA TYR A 230 -3.06 7.87 -4.48
C TYR A 230 -4.39 7.26 -4.94
N ILE A 231 -5.52 7.87 -4.58
CA ILE A 231 -6.83 7.32 -4.93
C ILE A 231 -6.99 7.25 -6.45
N LEU A 232 -6.64 8.34 -7.15
CA LEU A 232 -6.78 8.38 -8.58
C LEU A 232 -5.99 7.25 -9.24
N ASN A 233 -4.80 6.97 -8.72
CA ASN A 233 -3.92 5.96 -9.29
C ASN A 233 -4.04 4.55 -8.68
N ASN A 234 -4.95 4.41 -7.70
CA ASN A 234 -5.26 3.13 -7.05
C ASN A 234 -6.76 3.08 -6.74
N HIS A 235 -7.57 3.09 -7.81
CA HIS A 235 -8.96 3.48 -7.77
C HIS A 235 -9.99 2.34 -7.84
N GLY A 236 -9.50 1.10 -8.01
CA GLY A 236 -10.36 -0.05 -8.14
C GLY A 236 -10.58 -0.79 -6.84
N ILE A 237 -11.65 -1.58 -6.76
CA ILE A 237 -11.83 -2.52 -5.67
C ILE A 237 -10.88 -3.73 -5.87
N GLU A 238 -10.68 -4.15 -7.12
CA GLU A 238 -9.67 -5.13 -7.48
C GLU A 238 -8.33 -4.45 -7.66
N LYS A 239 -7.28 -5.08 -7.14
CA LYS A 239 -5.94 -4.51 -7.18
C LYS A 239 -5.42 -4.39 -8.60
N THR A 240 -6.02 -5.14 -9.54
CA THR A 240 -5.57 -5.18 -10.92
C THR A 240 -6.35 -4.26 -11.82
N CYS A 241 -7.29 -3.47 -11.27
CA CYS A 241 -8.04 -2.51 -12.08
C CYS A 241 -7.08 -1.65 -12.88
N CYS A 242 -7.21 -1.69 -14.20
CA CYS A 242 -6.48 -0.83 -15.15
C CYS A 242 -4.99 -1.18 -15.32
N GLU A 243 -4.57 -2.34 -14.79
CA GLU A 243 -3.19 -2.84 -14.91
C GLU A 243 -3.08 -3.78 -16.11
N SER A 244 -1.85 -4.18 -16.46
CA SER A 244 -1.63 -4.98 -17.66
C SER A 244 -2.20 -6.42 -17.62
N SER A 245 -2.35 -7.01 -16.42
CA SER A 245 -3.00 -8.32 -16.23
C SER A 245 -4.35 -8.18 -15.55
N GLY A 246 -4.99 -7.02 -15.78
CA GLY A 246 -6.31 -6.72 -15.26
C GLY A 246 -7.24 -6.17 -16.34
N ALA A 247 -8.41 -5.72 -15.89
CA ALA A 247 -9.47 -5.22 -16.73
C ALA A 247 -9.47 -3.72 -16.56
N LYS A 248 -9.65 -3.04 -17.69
CA LYS A 248 -9.75 -1.61 -17.76
C LYS A 248 -11.15 -1.22 -17.20
N CYS A 249 -11.21 -0.12 -16.43
CA CYS A 249 -12.48 0.53 -16.05
C CYS A 249 -12.56 1.88 -16.76
N CYS A 250 -13.71 2.57 -16.65
CA CYS A 250 -13.90 3.89 -17.24
C CYS A 250 -14.02 5.01 -16.21
N ARG A 251 -13.52 4.78 -14.99
CA ARG A 251 -13.61 5.75 -13.88
C ARG A 251 -12.92 7.07 -14.26
N LYS A 252 -11.69 7.01 -14.75
CA LYS A 252 -10.94 8.22 -15.10
C LYS A 252 -11.54 8.92 -16.29
N GLU A 253 -12.03 8.12 -17.24
CA GLU A 253 -12.62 8.64 -18.47
C GLU A 253 -13.88 9.46 -18.17
N CYS A 254 -14.68 8.99 -17.19
CA CYS A 254 -15.83 9.74 -16.71
C CYS A 254 -15.43 11.05 -16.06
N LEU A 255 -14.39 11.01 -15.23
CA LEU A 255 -13.86 12.22 -14.61
C LEU A 255 -13.48 13.21 -15.71
N LYS A 256 -12.75 12.74 -16.71
CA LYS A 256 -12.30 13.60 -17.82
C LYS A 256 -13.47 14.27 -18.53
N LEU A 257 -14.47 13.47 -18.90
CA LEU A 257 -15.66 13.97 -19.58
C LEU A 257 -16.42 15.04 -18.78
N MET A 258 -16.59 14.81 -17.47
CA MET A 258 -17.26 15.76 -16.59
C MET A 258 -16.45 17.06 -16.46
N LYS A 259 -15.11 16.90 -16.35
CA LYS A 259 -14.17 17.99 -16.30
C LYS A 259 -14.26 18.87 -17.54
N TYR A 260 -14.39 18.23 -18.71
CA TYR A 260 -14.50 18.89 -20.02
C TYR A 260 -15.82 19.66 -20.09
N LEU A 261 -16.93 19.04 -19.69
CA LEU A 261 -18.21 19.72 -19.68
C LEU A 261 -18.08 21.04 -18.91
N LEU A 262 -17.55 20.98 -17.69
CA LEU A 262 -17.42 22.17 -16.86
C LEU A 262 -16.49 23.24 -17.50
N GLU A 263 -15.30 22.83 -17.92
CA GLU A 263 -14.34 23.71 -18.60
C GLU A 263 -14.95 24.44 -19.80
N GLN A 264 -15.71 23.71 -20.61
CA GLN A 264 -16.31 24.26 -21.81
C GLN A 264 -17.34 25.30 -21.45
N LEU A 265 -18.19 24.96 -20.48
CA LEU A 265 -19.24 25.86 -20.02
C LEU A 265 -18.64 27.09 -19.36
N LYS A 266 -17.58 26.89 -18.58
CA LYS A 266 -16.93 27.94 -17.83
C LYS A 266 -16.29 28.96 -18.76
N LYS A 267 -15.71 28.49 -19.88
CA LYS A 267 -15.06 29.39 -20.81
C LYS A 267 -16.09 30.25 -21.55
N GLU A 268 -17.32 29.74 -21.70
CA GLU A 268 -18.41 30.48 -22.32
C GLU A 268 -19.18 31.39 -21.39
N PHE A 269 -19.43 30.92 -20.16
CA PHE A 269 -20.37 31.58 -19.26
C PHE A 269 -19.69 32.04 -17.98
N GLN A 270 -19.60 33.36 -17.81
CA GLN A 270 -18.99 33.96 -16.64
C GLN A 270 -19.86 33.79 -15.38
N GLU A 271 -21.16 33.49 -15.59
CA GLU A 271 -22.06 33.07 -14.52
C GLU A 271 -21.54 31.91 -13.67
N LEU A 272 -20.58 31.16 -14.20
CA LEU A 272 -20.04 29.97 -13.58
C LEU A 272 -18.68 30.16 -12.90
N ASP A 273 -18.26 31.41 -12.67
CA ASP A 273 -16.95 31.71 -12.06
C ASP A 273 -16.75 30.94 -10.76
N ALA A 274 -17.82 30.78 -9.98
CA ALA A 274 -17.76 30.16 -8.66
C ALA A 274 -17.47 28.66 -8.68
N PHE A 275 -17.75 27.99 -9.80
CA PHE A 275 -17.50 26.58 -9.95
C PHE A 275 -16.08 26.28 -10.41
N CYS A 276 -15.61 25.07 -10.09
CA CYS A 276 -14.24 24.67 -10.37
C CYS A 276 -14.17 23.16 -10.49
N SER A 277 -13.10 22.67 -11.09
CA SER A 277 -12.91 21.24 -11.33
C SER A 277 -12.95 20.41 -10.03
N TYR A 278 -12.59 21.01 -8.90
CA TYR A 278 -12.54 20.29 -7.61
C TYR A 278 -13.96 19.86 -7.22
N HIS A 279 -14.97 20.61 -7.68
CA HIS A 279 -16.36 20.28 -7.41
C HIS A 279 -16.68 18.96 -8.09
N VAL A 280 -16.29 18.83 -9.35
CA VAL A 280 -16.56 17.58 -10.07
C VAL A 280 -15.72 16.40 -9.52
N LYS A 281 -14.51 16.69 -9.03
CA LYS A 281 -13.60 15.66 -8.52
C LYS A 281 -14.19 15.09 -7.24
N THR A 282 -14.72 15.98 -6.40
CA THR A 282 -15.37 15.59 -5.16
C THR A 282 -16.64 14.79 -5.47
N ALA A 283 -17.44 15.24 -6.43
CA ALA A 283 -18.65 14.52 -6.82
C ALA A 283 -18.33 13.09 -7.25
N ILE A 284 -17.33 12.93 -8.12
CA ILE A 284 -16.98 11.60 -8.59
C ILE A 284 -16.40 10.72 -7.46
N PHE A 285 -15.73 11.33 -6.46
CA PHE A 285 -15.27 10.57 -5.30
C PHE A 285 -16.45 9.93 -4.58
N HIS A 286 -17.54 10.69 -4.45
CA HIS A 286 -18.77 10.18 -3.84
C HIS A 286 -19.42 9.07 -4.68
N MET A 287 -19.43 9.23 -6.00
CA MET A 287 -19.97 8.23 -6.91
C MET A 287 -19.12 6.96 -6.92
N TRP A 288 -17.81 7.12 -6.78
CA TRP A 288 -16.92 5.96 -6.68
C TRP A 288 -17.16 5.17 -5.38
N THR A 289 -17.63 5.87 -4.34
CA THR A 289 -17.99 5.25 -3.07
C THR A 289 -19.36 4.58 -3.16
N GLN A 290 -20.30 5.24 -3.85
CA GLN A 290 -21.63 4.72 -4.07
C GLN A 290 -21.64 3.42 -4.87
N ASP A 291 -20.83 3.40 -5.94
CA ASP A 291 -20.71 2.28 -6.86
C ASP A 291 -19.28 1.77 -6.80
N PRO A 292 -18.92 1.00 -5.74
CA PRO A 292 -17.53 0.58 -5.53
C PRO A 292 -17.00 -0.51 -6.48
N GLN A 293 -17.91 -1.34 -7.02
CA GLN A 293 -17.52 -2.47 -7.87
C GLN A 293 -16.96 -1.98 -9.21
N ASP A 294 -15.84 -2.57 -9.63
CA ASP A 294 -15.21 -2.24 -10.91
C ASP A 294 -16.17 -2.50 -12.08
N SER A 295 -17.05 -3.49 -11.91
CA SER A 295 -18.01 -3.87 -12.93
C SER A 295 -19.09 -2.80 -13.13
N GLN A 296 -19.27 -1.93 -12.13
CA GLN A 296 -20.15 -0.77 -12.27
C GLN A 296 -19.48 0.36 -13.08
N TRP A 297 -18.22 0.16 -13.50
CA TRP A 297 -17.48 1.13 -14.30
C TRP A 297 -16.86 0.45 -15.52
N ASP A 298 -17.64 -0.45 -16.13
CA ASP A 298 -17.22 -1.12 -17.35
C ASP A 298 -17.06 -0.13 -18.49
N PRO A 299 -15.95 -0.20 -19.27
CA PRO A 299 -15.75 0.63 -20.47
C PRO A 299 -16.94 0.63 -21.42
N ARG A 300 -17.61 -0.53 -21.57
CA ARG A 300 -18.78 -0.68 -22.48
C ARG A 300 -19.93 0.19 -21.97
N ASN A 301 -19.97 0.52 -20.67
CA ASN A 301 -21.05 1.31 -20.08
C ASN A 301 -20.73 2.80 -19.85
N LEU A 302 -19.76 3.31 -20.60
CA LEU A 302 -19.30 4.69 -20.50
C LEU A 302 -20.45 5.71 -20.46
N SER A 303 -21.44 5.55 -21.34
CA SER A 303 -22.61 6.45 -21.39
C SER A 303 -23.41 6.41 -20.11
N SER A 304 -23.77 5.21 -19.67
CA SER A 304 -24.53 5.04 -18.43
C SER A 304 -23.76 5.68 -17.30
N CYS A 305 -22.47 5.35 -17.20
CA CYS A 305 -21.62 5.79 -16.08
C CYS A 305 -21.51 7.33 -16.05
N PHE A 306 -21.25 7.94 -17.20
CA PHE A 306 -21.18 9.38 -17.30
C PHE A 306 -22.54 9.99 -16.93
N ASP A 307 -23.61 9.40 -17.45
CA ASP A 307 -24.97 9.87 -17.18
C ASP A 307 -25.34 9.84 -15.70
N LYS A 308 -24.96 8.76 -15.00
CA LYS A 308 -25.28 8.67 -13.58
C LYS A 308 -24.45 9.71 -12.79
N LEU A 309 -23.21 9.95 -13.20
CA LEU A 309 -22.39 11.02 -12.65
C LEU A 309 -23.04 12.40 -12.81
N LEU A 310 -23.60 12.66 -14.00
CA LEU A 310 -24.32 13.91 -14.28
C LEU A 310 -25.55 14.04 -13.39
N ALA A 311 -26.29 12.93 -13.26
CA ALA A 311 -27.53 12.90 -12.49
C ALA A 311 -27.19 13.22 -11.04
N PHE A 312 -26.10 12.62 -10.54
CA PHE A 312 -25.65 12.85 -9.16
C PHE A 312 -25.29 14.32 -8.92
N PHE A 313 -24.56 14.90 -9.86
CA PHE A 313 -24.09 16.27 -9.77
C PHE A 313 -25.27 17.25 -9.80
N LEU A 314 -26.29 16.95 -10.62
CA LEU A 314 -27.50 17.75 -10.68
C LEU A 314 -28.22 17.76 -9.34
N GLU A 315 -28.21 16.61 -8.66
CA GLU A 315 -28.88 16.44 -7.37
C GLU A 315 -28.14 17.27 -6.30
N CYS A 316 -26.81 17.29 -6.37
CA CYS A 316 -25.99 18.12 -5.51
C CYS A 316 -26.32 19.61 -5.68
N LEU A 317 -26.45 20.05 -6.94
CA LEU A 317 -26.80 21.42 -7.23
C LEU A 317 -28.20 21.78 -6.74
N ARG A 318 -29.17 20.92 -7.04
CA ARG A 318 -30.60 21.13 -6.72
C ARG A 318 -30.75 21.24 -5.19
N THR A 319 -30.13 20.32 -4.45
CA THR A 319 -30.22 20.27 -3.00
C THR A 319 -29.15 21.09 -2.29
N GLU A 320 -28.31 21.78 -3.06
CA GLU A 320 -27.30 22.68 -2.54
C GLU A 320 -26.35 21.99 -1.56
N LYS A 321 -25.94 20.77 -1.91
CA LYS A 321 -25.15 19.94 -1.02
C LYS A 321 -24.13 19.10 -1.79
N LEU A 322 -22.85 19.37 -1.50
CA LEU A 322 -21.72 18.62 -2.03
C LEU A 322 -20.64 18.65 -0.96
N ASP A 323 -20.65 17.64 -0.09
CA ASP A 323 -19.73 17.58 1.04
C ASP A 323 -18.34 17.29 0.57
N HIS A 324 -17.36 17.97 1.17
CA HIS A 324 -15.95 17.63 0.99
C HIS A 324 -15.78 16.15 1.35
N TYR A 325 -15.06 15.39 0.51
CA TYR A 325 -14.85 13.93 0.68
C TYR A 325 -14.08 13.64 1.99
N PHE A 326 -13.19 14.55 2.39
CA PHE A 326 -12.34 14.38 3.57
C PHE A 326 -12.90 15.04 4.80
N ILE A 327 -13.79 16.01 4.60
CA ILE A 327 -14.29 16.89 5.66
C ILE A 327 -15.80 16.99 5.52
N PRO A 328 -16.55 15.98 6.01
CA PRO A 328 -17.98 15.84 5.70
C PRO A 328 -18.83 17.09 6.02
N LYS A 329 -18.49 17.84 7.08
CA LYS A 329 -19.31 18.97 7.48
C LYS A 329 -19.10 20.21 6.65
N PHE A 330 -18.06 20.20 5.81
CA PHE A 330 -17.74 21.28 4.90
C PHE A 330 -18.47 21.11 3.55
N ASN A 331 -19.49 21.95 3.35
CA ASN A 331 -20.37 21.90 2.19
C ASN A 331 -19.91 22.88 1.13
N LEU A 332 -19.33 22.35 0.05
CA LEU A 332 -18.78 23.15 -1.04
C LEU A 332 -19.86 23.91 -1.80
N PHE A 333 -21.11 23.47 -1.68
CA PHE A 333 -22.26 24.07 -2.35
C PHE A 333 -23.19 24.81 -1.38
N SER A 334 -22.65 25.33 -0.28
CA SER A 334 -23.46 26.12 0.66
C SER A 334 -23.81 27.47 0.00
N GLN A 335 -24.86 28.12 0.51
CA GLN A 335 -25.28 29.44 0.07
C GLN A 335 -24.13 30.44 0.08
N GLU A 336 -23.29 30.37 1.12
CA GLU A 336 -22.06 31.14 1.15
C GLU A 336 -21.20 30.30 0.24
N LEU A 337 -20.34 30.95 -0.53
CA LEU A 337 -19.56 30.30 -1.59
C LEU A 337 -20.30 30.31 -2.92
N ILE A 338 -21.49 29.72 -2.97
CA ILE A 338 -22.23 29.65 -4.23
C ILE A 338 -23.68 30.04 -4.08
N ASP A 339 -24.08 31.10 -4.78
CA ASP A 339 -25.44 31.57 -4.78
C ASP A 339 -26.37 30.56 -5.46
N ARG A 340 -27.61 30.49 -4.97
CA ARG A 340 -28.69 29.62 -5.53
C ARG A 340 -28.77 29.79 -7.05
N LYS A 341 -28.78 31.04 -7.52
CA LYS A 341 -28.92 31.34 -8.95
C LYS A 341 -27.85 30.69 -9.81
N SER A 342 -26.60 30.69 -9.31
CA SER A 342 -25.48 30.07 -10.02
C SER A 342 -25.71 28.58 -10.19
N LYS A 343 -26.18 27.94 -9.11
CA LYS A 343 -26.47 26.51 -9.10
C LYS A 343 -27.60 26.18 -10.07
N GLU A 344 -28.64 27.00 -10.05
CA GLU A 344 -29.77 26.81 -10.94
C GLU A 344 -29.36 27.06 -12.40
N PHE A 345 -28.47 28.04 -12.64
CA PHE A 345 -27.94 28.30 -13.96
C PHE A 345 -27.15 27.09 -14.49
N LEU A 346 -26.19 26.61 -13.70
CA LEU A 346 -25.42 25.42 -14.07
C LEU A 346 -26.30 24.17 -14.25
N SER A 347 -27.32 24.03 -13.42
CA SER A 347 -28.26 22.92 -13.50
C SER A 347 -28.97 22.86 -14.86
N LYS A 348 -29.48 24.01 -15.31
CA LYS A 348 -30.16 24.13 -16.59
C LYS A 348 -29.21 23.90 -17.75
N LYS A 349 -27.97 24.40 -17.66
CA LYS A 349 -26.95 24.17 -18.70
C LYS A 349 -26.53 22.70 -18.84
N ILE A 350 -26.38 21.99 -17.72
CA ILE A 350 -26.07 20.56 -17.75
C ILE A 350 -27.23 19.75 -18.33
N GLU A 351 -28.44 20.01 -17.83
CA GLU A 351 -29.67 19.36 -18.30
C GLU A 351 -29.85 19.49 -19.82
N TYR A 352 -29.57 20.68 -20.35
CA TYR A 352 -29.65 21.01 -21.80
C TYR A 352 -28.68 20.12 -22.58
N GLU A 353 -27.38 20.19 -22.25
CA GLU A 353 -26.36 19.38 -22.91
C GLU A 353 -26.73 17.89 -22.94
N ARG A 354 -27.12 17.37 -21.77
CA ARG A 354 -27.50 15.96 -21.52
C ARG A 354 -28.63 15.53 -22.47
N ASN A 355 -29.63 16.40 -22.67
CA ASN A 355 -30.83 16.08 -23.43
C ASN A 355 -30.73 16.44 -24.92
N ASN A 356 -29.59 16.97 -25.36
CA ASN A 356 -29.44 17.42 -26.75
C ASN A 356 -28.13 17.00 -27.40
N GLY A 357 -27.55 15.90 -26.93
CA GLY A 357 -26.38 15.28 -27.55
C GLY A 357 -25.06 15.94 -27.21
N PHE A 358 -25.02 16.73 -26.14
CA PHE A 358 -23.81 17.42 -25.73
C PHE A 358 -23.19 18.21 -26.88
N PRO A 359 -23.93 19.18 -27.47
CA PRO A 359 -23.38 20.00 -28.55
C PRO A 359 -22.08 20.73 -28.16
N ILE A 360 -21.90 21.02 -26.87
CA ILE A 360 -20.72 21.76 -26.41
C ILE A 360 -19.41 20.96 -26.52
N PHE A 361 -19.52 19.63 -26.60
CA PHE A 361 -18.36 18.75 -26.85
C PHE A 361 -17.78 18.93 -28.25
N ASP A 362 -18.58 19.48 -29.19
CA ASP A 362 -18.17 19.69 -30.59
C ASP A 362 -17.51 21.04 -30.93
N LYS A 363 -17.32 21.90 -29.94
CA LYS A 363 -16.72 23.23 -30.18
C LYS A 363 -15.19 23.26 -30.07
N LYS B 6 -19.22 -30.07 9.55
CA LYS B 6 -18.38 -31.13 8.92
C LYS B 6 -16.90 -30.66 8.87
N LEU B 7 -16.47 -30.08 7.73
CA LEU B 7 -15.21 -29.35 7.66
C LEU B 7 -15.28 -28.10 8.56
N LYS B 8 -16.47 -27.48 8.62
CA LYS B 8 -16.77 -26.42 9.57
C LYS B 8 -16.42 -26.85 11.00
N LYS B 9 -16.89 -28.03 11.42
CA LYS B 9 -16.62 -28.56 12.76
C LYS B 9 -15.15 -28.92 13.01
N VAL B 10 -14.43 -29.33 11.96
CA VAL B 10 -12.99 -29.54 12.07
C VAL B 10 -12.27 -28.21 12.34
N LEU B 11 -12.63 -27.16 11.58
CA LEU B 11 -12.09 -25.82 11.80
C LEU B 11 -12.36 -25.32 13.22
N ASP B 12 -13.53 -25.65 13.76
CA ASP B 12 -13.85 -25.37 15.16
C ASP B 12 -12.83 -25.98 16.11
N LYS B 13 -12.47 -27.25 15.85
CA LYS B 13 -11.46 -27.92 16.65
C LYS B 13 -10.10 -27.24 16.50
N LEU B 14 -9.74 -26.89 15.27
CA LEU B 14 -8.42 -26.31 14.94
C LEU B 14 -8.21 -24.91 15.46
N ARG B 15 -9.32 -24.18 15.65
CA ARG B 15 -9.32 -22.78 16.12
C ARG B 15 -8.60 -22.68 17.46
N LEU B 16 -7.58 -21.82 17.55
CA LEU B 16 -6.90 -21.49 18.78
C LEU B 16 -7.79 -20.69 19.69
N LYS B 17 -7.46 -20.73 20.99
CA LYS B 17 -8.26 -20.12 22.03
C LYS B 17 -7.56 -18.91 22.59
N ARG B 18 -8.33 -17.83 22.81
CA ARG B 18 -7.85 -16.52 23.29
C ARG B 18 -6.98 -16.72 24.55
N LYS B 19 -7.44 -17.58 25.46
CA LYS B 19 -6.75 -17.86 26.72
C LYS B 19 -5.33 -18.38 26.48
N ASP B 20 -5.22 -19.43 25.65
CA ASP B 20 -3.94 -20.07 25.30
C ASP B 20 -3.03 -19.14 24.52
N ILE B 21 -3.61 -18.40 23.57
CA ILE B 21 -2.91 -17.36 22.81
C ILE B 21 -2.22 -16.37 23.76
N SER B 22 -2.99 -15.85 24.73
CA SER B 22 -2.52 -14.88 25.70
C SER B 22 -1.38 -15.41 26.55
N GLU B 23 -1.58 -16.60 27.12
CA GLU B 23 -0.59 -17.26 27.96
C GLU B 23 0.69 -17.67 27.22
N ALA B 24 0.55 -18.12 25.97
CA ALA B 24 1.70 -18.49 25.15
C ALA B 24 2.53 -17.27 24.75
N ALA B 25 1.84 -16.23 24.27
CA ALA B 25 2.49 -15.01 23.81
C ALA B 25 3.25 -14.24 24.91
N GLU B 26 2.66 -14.15 26.11
CA GLU B 26 3.29 -13.40 27.17
C GLU B 26 4.65 -14.01 27.52
N THR B 27 4.70 -15.35 27.58
CA THR B 27 5.92 -16.09 27.89
C THR B 27 6.93 -16.02 26.74
N VAL B 28 6.46 -16.17 25.50
CA VAL B 28 7.31 -16.14 24.31
C VAL B 28 7.93 -14.75 24.16
N ASN B 29 7.15 -13.71 24.41
CA ASN B 29 7.64 -12.35 24.24
C ASN B 29 8.72 -11.97 25.23
N LYS B 30 8.57 -12.40 26.49
CA LYS B 30 9.60 -12.25 27.52
C LYS B 30 10.94 -12.79 27.01
N VAL B 31 10.94 -14.06 26.56
CA VAL B 31 12.16 -14.75 26.19
C VAL B 31 12.82 -14.08 24.99
N VAL B 32 12.03 -13.85 23.93
CA VAL B 32 12.51 -13.21 22.70
C VAL B 32 13.07 -11.81 22.97
N GLU B 33 12.29 -11.00 23.68
CA GLU B 33 12.70 -9.66 24.12
C GLU B 33 14.08 -9.70 24.77
N ARG B 34 14.26 -10.65 25.69
CA ARG B 34 15.52 -10.83 26.45
C ARG B 34 16.66 -11.25 25.51
N LEU B 35 16.41 -12.17 24.58
CA LEU B 35 17.44 -12.57 23.62
C LEU B 35 17.83 -11.40 22.72
N LEU B 36 16.83 -10.67 22.20
CA LEU B 36 17.08 -9.53 21.33
C LEU B 36 17.94 -8.46 22.02
N ARG B 37 17.62 -8.17 23.29
CA ARG B 37 18.35 -7.16 24.12
C ARG B 37 19.82 -7.60 24.27
N ARG B 38 20.04 -8.90 24.49
CA ARG B 38 21.39 -9.48 24.77
C ARG B 38 22.27 -9.47 23.52
N MET B 39 21.67 -9.58 22.32
CA MET B 39 22.36 -9.15 21.10
C MET B 39 22.21 -7.63 21.12
N GLN B 40 23.23 -6.90 20.63
CA GLN B 40 23.20 -5.43 20.57
C GLN B 40 23.14 -4.74 21.96
N SER B 44 29.13 -7.66 20.92
CA SER B 44 28.31 -8.54 20.10
C SER B 44 28.42 -8.24 18.60
N GLU B 45 28.75 -9.27 17.82
CA GLU B 45 28.90 -9.17 16.36
C GLU B 45 27.54 -8.98 15.67
N PHE B 46 26.46 -9.22 16.42
CA PHE B 46 25.10 -9.16 15.93
C PHE B 46 24.38 -7.92 16.41
N LYS B 47 25.12 -6.95 16.96
CA LYS B 47 24.56 -5.65 17.29
C LYS B 47 23.98 -5.04 16.02
N GLY B 48 22.75 -4.52 16.12
CA GLY B 48 22.00 -4.03 14.97
C GLY B 48 20.88 -4.95 14.53
N VAL B 49 20.90 -6.20 15.01
CA VAL B 49 19.89 -7.20 14.71
C VAL B 49 18.52 -6.68 15.09
N GLU B 50 17.51 -6.99 14.26
CA GLU B 50 16.12 -6.52 14.42
C GLU B 50 15.12 -7.71 14.32
N GLN B 51 14.02 -7.62 15.09
CA GLN B 51 13.06 -8.69 15.21
C GLN B 51 12.03 -8.61 14.12
N LEU B 52 11.73 -9.76 13.53
CA LEU B 52 10.71 -9.89 12.51
C LEU B 52 9.96 -11.20 12.74
N ASN B 53 8.70 -11.08 13.17
CA ASN B 53 7.89 -12.23 13.49
C ASN B 53 7.26 -12.81 12.21
N THR B 54 7.43 -14.12 12.04
CA THR B 54 7.04 -14.84 10.81
C THR B 54 6.30 -16.15 11.12
N GLY B 55 5.80 -16.79 10.06
CA GLY B 55 5.19 -18.12 10.14
C GLY B 55 3.73 -18.08 10.55
N SER B 56 3.17 -19.27 10.77
CA SER B 56 1.74 -19.50 10.99
C SER B 56 1.09 -18.57 11.99
N TYR B 57 1.68 -18.47 13.19
CA TYR B 57 1.04 -17.77 14.34
C TYR B 57 0.80 -16.32 13.93
N TYR B 58 1.80 -15.70 13.31
CA TYR B 58 1.79 -14.27 12.92
C TYR B 58 1.02 -14.11 11.60
N GLU B 59 0.85 -15.19 10.84
CA GLU B 59 -0.02 -15.21 9.65
C GLU B 59 -1.50 -15.53 9.94
N HIS B 60 -1.80 -15.85 11.20
CA HIS B 60 -3.12 -16.35 11.66
C HIS B 60 -3.59 -17.61 10.98
N VAL B 61 -2.66 -18.51 10.63
CA VAL B 61 -3.01 -19.88 10.17
C VAL B 61 -2.41 -21.01 11.03
N LYS B 62 -1.99 -20.67 12.25
CA LYS B 62 -1.56 -21.69 13.19
C LYS B 62 -2.79 -22.48 13.61
N ILE B 63 -2.65 -23.81 13.67
CA ILE B 63 -3.76 -24.68 14.06
C ILE B 63 -3.54 -25.44 15.36
N SER B 64 -4.66 -25.82 15.98
CA SER B 64 -4.73 -26.74 17.14
C SER B 64 -4.32 -26.13 18.49
N ALA B 65 -3.13 -25.52 18.52
CA ALA B 65 -2.62 -24.85 19.70
C ALA B 65 -1.54 -23.84 19.34
N PRO B 66 -1.34 -22.78 20.15
CA PRO B 66 -0.25 -21.82 19.94
C PRO B 66 1.06 -22.34 20.55
N ASN B 67 1.67 -23.32 19.88
CA ASN B 67 2.81 -24.06 20.41
C ASN B 67 4.07 -24.02 19.56
N GLU B 68 4.03 -23.24 18.47
CA GLU B 68 5.19 -23.09 17.61
C GLU B 68 5.18 -21.67 17.06
N PHE B 69 6.30 -20.97 17.27
CA PHE B 69 6.49 -19.56 16.95
C PHE B 69 7.79 -19.42 16.18
N ASP B 70 7.79 -18.59 15.14
CA ASP B 70 8.97 -18.34 14.35
C ASP B 70 9.32 -16.86 14.38
N VAL B 71 10.58 -16.55 14.69
CA VAL B 71 11.10 -15.19 14.76
C VAL B 71 12.41 -15.07 14.00
N MET B 72 12.52 -14.05 13.16
CA MET B 72 13.77 -13.71 12.49
C MET B 72 14.49 -12.61 13.26
N PHE B 73 15.76 -12.87 13.60
CA PHE B 73 16.69 -11.84 14.02
C PHE B 73 17.48 -11.55 12.75
N LYS B 74 17.13 -10.45 12.09
CA LYS B 74 17.68 -10.06 10.80
C LYS B 74 18.71 -8.95 10.99
N LEU B 75 19.80 -9.04 10.23
CA LEU B 75 20.92 -8.13 10.33
C LEU B 75 21.22 -7.50 8.96
N GLU B 76 21.14 -6.16 8.89
CA GLU B 76 21.61 -5.39 7.74
C GLU B 76 23.09 -5.64 7.59
N VAL B 77 23.51 -6.09 6.41
CA VAL B 77 24.92 -6.14 6.08
C VAL B 77 25.11 -5.27 4.84
N PRO B 78 26.23 -4.52 4.72
CA PRO B 78 26.45 -3.67 3.56
C PRO B 78 26.49 -4.53 2.30
N ARG B 79 26.41 -3.94 1.10
CA ARG B 79 26.25 -4.69 -0.18
C ARG B 79 27.20 -5.91 -0.18
N ILE B 80 26.67 -7.05 -0.64
CA ILE B 80 27.38 -8.30 -0.64
C ILE B 80 27.35 -8.83 -2.04
N GLU B 81 28.34 -9.66 -2.37
CA GLU B 81 28.32 -10.42 -3.61
C GLU B 81 27.81 -11.84 -3.35
N LEU B 82 26.78 -12.22 -4.09
CA LEU B 82 26.22 -13.56 -4.07
C LEU B 82 26.74 -14.34 -5.25
N GLN B 83 27.09 -15.61 -5.02
CA GLN B 83 27.39 -16.53 -6.08
C GLN B 83 26.47 -17.70 -5.86
N GLU B 84 25.76 -18.08 -6.92
CA GLU B 84 24.78 -19.14 -6.84
C GLU B 84 25.50 -20.46 -6.73
N TYR B 85 25.04 -21.30 -5.80
CA TYR B 85 25.62 -22.63 -5.49
C TYR B 85 25.11 -23.63 -6.53
N TYR B 86 25.98 -24.00 -7.47
CA TYR B 86 25.70 -24.74 -8.74
C TYR B 86 24.18 -24.77 -9.07
N GLU B 87 23.69 -23.62 -9.53
CA GLU B 87 22.43 -23.53 -10.26
C GLU B 87 21.17 -24.07 -9.55
N THR B 88 21.21 -24.13 -8.21
CA THR B 88 20.09 -24.62 -7.40
C THR B 88 18.99 -23.59 -7.17
N GLY B 89 19.29 -22.31 -7.40
CA GLY B 89 18.31 -21.24 -7.34
C GLY B 89 18.19 -20.58 -5.98
N ALA B 90 18.17 -21.41 -4.93
CA ALA B 90 17.88 -20.99 -3.57
C ALA B 90 19.10 -20.82 -2.69
N PHE B 91 20.20 -21.49 -3.05
CA PHE B 91 21.40 -21.57 -2.23
C PHE B 91 22.53 -20.76 -2.85
N TYR B 92 23.24 -20.01 -1.99
CA TYR B 92 24.30 -19.04 -2.37
C TYR B 92 25.47 -19.09 -1.37
N LEU B 93 26.66 -18.76 -1.87
CA LEU B 93 27.78 -18.31 -1.05
C LEU B 93 27.70 -16.79 -1.00
N VAL B 94 27.95 -16.24 0.19
CA VAL B 94 28.09 -14.80 0.36
C VAL B 94 29.47 -14.54 0.94
N PRO B 104 32.97 -6.01 11.56
CA PRO B 104 32.03 -6.59 12.53
C PRO B 104 32.00 -8.14 12.46
N LEU B 105 31.77 -8.66 11.26
CA LEU B 105 31.63 -10.10 10.99
C LEU B 105 32.95 -10.80 10.65
N SER B 106 34.09 -10.15 10.94
CA SER B 106 35.38 -10.53 10.39
C SER B 106 35.58 -12.03 10.50
N HIS B 107 35.50 -12.54 11.73
CA HIS B 107 35.89 -13.93 12.02
C HIS B 107 34.85 -14.98 11.59
N PHE B 108 33.87 -14.58 10.76
CA PHE B 108 32.98 -15.52 10.09
C PHE B 108 33.34 -15.62 8.60
N VAL B 113 34.69 -15.15 2.20
CA VAL B 113 33.46 -15.92 2.23
C VAL B 113 32.86 -15.98 3.64
N LEU B 114 31.58 -15.61 3.75
CA LEU B 114 30.88 -15.62 5.02
C LEU B 114 30.34 -17.02 5.29
N SER B 115 30.93 -17.70 6.28
CA SER B 115 30.52 -19.02 6.71
C SER B 115 29.23 -18.92 7.54
N ALA B 116 28.15 -19.48 6.99
CA ALA B 116 26.88 -19.63 7.69
C ALA B 116 27.00 -20.35 9.02
N THR B 117 27.73 -21.47 9.02
CA THR B 117 27.96 -22.29 10.21
C THR B 117 28.68 -21.55 11.34
N LYS B 118 29.72 -20.80 10.98
CA LYS B 118 30.49 -20.02 11.95
C LYS B 118 29.60 -18.94 12.57
N MET B 119 28.89 -18.18 11.72
CA MET B 119 28.02 -17.12 12.22
C MET B 119 26.92 -17.72 13.11
N LEU B 120 26.28 -18.79 12.61
CA LEU B 120 25.22 -19.48 13.34
C LEU B 120 25.73 -20.03 14.66
N SER B 121 26.95 -20.59 14.66
CA SER B 121 27.54 -21.11 15.88
C SER B 121 27.66 -20.05 16.98
N LYS B 122 28.09 -18.83 16.63
CA LYS B 122 28.29 -17.79 17.63
C LYS B 122 26.95 -17.25 18.10
N PHE B 123 26.04 -17.02 17.15
CA PHE B 123 24.67 -16.67 17.42
C PHE B 123 24.10 -17.66 18.44
N ARG B 124 24.23 -18.94 18.11
CA ARG B 124 23.78 -20.10 18.92
C ARG B 124 24.45 -20.05 20.30
N LYS B 125 25.77 -19.88 20.34
CA LYS B 125 26.52 -19.81 21.61
C LYS B 125 25.96 -18.73 22.55
N ILE B 126 25.73 -17.54 21.99
CA ILE B 126 25.17 -16.41 22.72
C ILE B 126 23.81 -16.78 23.31
N ILE B 127 22.90 -17.22 22.44
CA ILE B 127 21.57 -17.59 22.87
C ILE B 127 21.61 -18.57 24.04
N LYS B 128 22.43 -19.62 23.93
CA LYS B 128 22.53 -20.65 24.95
C LYS B 128 22.97 -20.08 26.28
N GLU B 129 24.00 -19.23 26.26
CA GLU B 129 24.45 -18.52 27.46
C GLU B 129 23.29 -17.77 28.10
N GLU B 130 22.61 -16.94 27.31
CA GLU B 130 21.52 -16.14 27.84
C GLU B 130 20.34 -16.94 28.42
N VAL B 131 20.03 -18.09 27.81
CA VAL B 131 18.96 -18.96 28.28
C VAL B 131 19.25 -19.52 29.67
N LYS B 132 20.52 -19.80 29.97
CA LYS B 132 20.96 -20.19 31.31
C LYS B 132 20.56 -19.18 32.39
N GLU B 133 20.59 -17.89 32.07
CA GLU B 133 20.28 -16.81 33.01
C GLU B 133 18.79 -16.68 33.36
N ILE B 134 17.92 -17.24 32.51
CA ILE B 134 16.48 -17.17 32.72
C ILE B 134 16.03 -18.10 33.87
N LYS B 135 15.50 -17.50 34.94
CA LYS B 135 15.03 -18.25 36.11
C LYS B 135 13.53 -18.11 36.46
N ASP B 136 12.75 -17.44 35.60
CA ASP B 136 11.29 -17.35 35.77
C ASP B 136 10.49 -18.14 34.71
N ILE B 137 11.20 -18.68 33.72
CA ILE B 137 10.61 -19.48 32.66
C ILE B 137 11.39 -20.77 32.55
N ASP B 138 10.67 -21.88 32.41
CA ASP B 138 11.26 -23.18 32.15
C ASP B 138 11.53 -23.22 30.64
N VAL B 139 12.79 -23.01 30.24
CA VAL B 139 13.17 -22.92 28.84
C VAL B 139 14.59 -23.41 28.59
N SER B 140 14.73 -24.37 27.66
CA SER B 140 16.04 -24.90 27.23
C SER B 140 16.21 -24.74 25.72
N VAL B 141 17.44 -25.00 25.23
CA VAL B 141 17.75 -24.95 23.83
C VAL B 141 17.81 -26.36 23.30
N GLU B 142 17.06 -26.62 22.23
CA GLU B 142 16.97 -27.94 21.61
C GLU B 142 18.33 -28.28 21.01
N LYS B 143 18.67 -29.58 21.04
CA LYS B 143 19.80 -30.12 20.32
C LYS B 143 19.76 -29.64 18.85
N GLU B 144 20.89 -29.14 18.36
CA GLU B 144 21.03 -28.68 16.99
C GLU B 144 20.72 -29.80 16.03
N LYS B 145 19.83 -29.51 15.09
CA LYS B 145 19.57 -30.35 13.92
C LYS B 145 20.39 -29.77 12.78
N PRO B 146 21.27 -30.55 12.12
CA PRO B 146 22.02 -30.07 10.97
C PRO B 146 21.03 -29.79 9.82
N GLY B 147 21.35 -28.81 8.97
CA GLY B 147 20.45 -28.36 7.91
C GLY B 147 19.32 -27.48 8.40
N SER B 148 19.40 -27.05 9.67
CA SER B 148 18.45 -26.09 10.22
C SER B 148 19.09 -24.72 10.44
N PRO B 149 18.43 -23.63 9.97
CA PRO B 149 18.92 -22.28 10.24
C PRO B 149 18.53 -21.73 11.62
N ALA B 150 17.84 -22.55 12.42
CA ALA B 150 17.14 -22.08 13.60
C ALA B 150 17.91 -22.47 14.84
N VAL B 151 17.82 -21.60 15.85
CA VAL B 151 18.11 -21.98 17.22
C VAL B 151 16.74 -22.18 17.86
N THR B 152 16.42 -23.42 18.23
CA THR B 152 15.08 -23.74 18.67
C THR B 152 14.99 -23.86 20.18
N LEU B 153 14.07 -23.08 20.75
CA LEU B 153 13.82 -23.03 22.18
C LEU B 153 12.64 -23.92 22.53
N LEU B 154 12.78 -24.70 23.61
CA LEU B 154 11.69 -25.49 24.16
C LEU B 154 11.25 -24.87 25.47
N ILE B 155 10.07 -24.25 25.46
CA ILE B 155 9.47 -23.62 26.64
C ILE B 155 8.40 -24.56 27.18
N ARG B 156 8.44 -24.80 28.50
CA ARG B 156 7.51 -25.71 29.21
C ARG B 156 6.77 -24.92 30.29
N ASN B 157 6.19 -23.78 29.91
CA ASN B 157 4.88 -23.37 30.41
C ASN B 157 4.22 -24.74 30.45
N PRO B 158 3.35 -25.09 31.42
CA PRO B 158 3.00 -26.51 31.55
C PRO B 158 2.81 -27.06 30.13
N GLU B 159 2.27 -26.23 29.20
CA GLU B 159 2.18 -26.57 27.77
C GLU B 159 3.53 -26.41 27.06
N GLU B 160 3.86 -27.36 26.17
CA GLU B 160 5.08 -27.30 25.35
C GLU B 160 4.95 -26.31 24.17
N ILE B 161 5.93 -25.40 24.05
CA ILE B 161 6.01 -24.37 23.01
C ILE B 161 7.43 -24.35 22.45
N SER B 162 7.55 -24.54 21.12
CA SER B 162 8.82 -24.35 20.43
C SER B 162 8.91 -22.97 19.82
N VAL B 163 10.11 -22.36 19.92
CA VAL B 163 10.38 -21.09 19.25
C VAL B 163 11.66 -21.21 18.41
N ASP B 164 11.52 -21.05 17.09
CA ASP B 164 12.64 -21.03 16.17
C ASP B 164 13.15 -19.60 16.13
N ILE B 165 14.40 -19.39 16.58
CA ILE B 165 15.09 -18.13 16.40
C ILE B 165 15.99 -18.25 15.17
N ILE B 166 15.63 -17.51 14.13
CA ILE B 166 16.20 -17.69 12.80
C ILE B 166 17.07 -16.49 12.46
N LEU B 167 18.38 -16.73 12.44
CA LEU B 167 19.35 -15.73 12.01
C LEU B 167 19.15 -15.48 10.53
N ALA B 168 19.11 -14.20 10.14
CA ALA B 168 18.97 -13.81 8.75
C ALA B 168 19.83 -12.61 8.40
N LEU B 169 20.51 -12.70 7.25
CA LEU B 169 21.13 -11.53 6.61
C LEU B 169 20.07 -10.79 5.83
N GLU B 170 20.03 -9.45 5.98
CA GLU B 170 19.16 -8.57 5.21
C GLU B 170 19.97 -7.79 4.15
N SER B 171 19.65 -8.01 2.87
CA SER B 171 20.26 -7.29 1.76
C SER B 171 19.19 -6.43 1.07
N LYS B 172 19.54 -5.18 0.80
CA LYS B 172 18.64 -4.18 0.22
C LYS B 172 18.69 -4.05 -1.29
N GLY B 173 19.57 -4.82 -1.94
CA GLY B 173 19.68 -4.79 -3.39
C GLY B 173 18.49 -5.41 -4.10
N SER B 174 18.54 -5.38 -5.43
CA SER B 174 17.69 -6.19 -6.29
C SER B 174 17.74 -7.65 -5.84
N TRP B 175 16.59 -8.31 -5.82
CA TRP B 175 16.50 -9.74 -5.56
C TRP B 175 17.34 -10.47 -6.60
N PRO B 176 17.90 -11.66 -6.29
CA PRO B 176 18.72 -12.39 -7.26
C PRO B 176 17.91 -12.86 -8.47
N ILE B 177 18.57 -12.95 -9.63
CA ILE B 177 17.93 -13.24 -10.91
C ILE B 177 17.15 -14.55 -10.96
N SER B 178 17.55 -15.51 -10.12
CA SER B 178 16.79 -16.74 -9.95
C SER B 178 15.31 -16.51 -9.58
N THR B 179 14.99 -15.31 -9.04
CA THR B 179 13.63 -14.96 -8.62
C THR B 179 12.87 -14.09 -9.62
N LYS B 180 13.50 -13.81 -10.77
CA LYS B 180 12.96 -12.91 -11.77
C LYS B 180 11.56 -13.31 -12.20
N GLU B 181 11.36 -14.61 -12.42
CA GLU B 181 10.10 -15.17 -12.90
C GLU B 181 9.23 -15.70 -11.79
N GLY B 182 9.66 -15.49 -10.55
CA GLY B 182 8.92 -15.95 -9.38
C GLY B 182 7.83 -14.97 -9.00
N LEU B 183 7.13 -15.26 -7.91
CA LEU B 183 6.12 -14.37 -7.35
C LEU B 183 5.14 -13.95 -8.46
N PRO B 184 4.48 -14.93 -9.12
CA PRO B 184 3.62 -14.65 -10.27
C PRO B 184 2.20 -14.19 -9.89
N ILE B 185 2.13 -13.09 -9.15
CA ILE B 185 0.90 -12.54 -8.60
C ILE B 185 0.17 -11.50 -9.46
N GLN B 186 0.68 -11.25 -10.68
CA GLN B 186 0.21 -10.18 -11.57
C GLN B 186 -1.30 -10.18 -11.83
N GLY B 187 -1.90 -11.37 -12.00
CA GLY B 187 -3.31 -11.50 -12.31
C GLY B 187 -4.17 -11.67 -11.07
N TRP B 188 -3.51 -11.65 -9.91
CA TRP B 188 -4.15 -11.90 -8.62
C TRP B 188 -4.01 -10.66 -7.72
N LEU B 189 -2.78 -10.37 -7.26
CA LEU B 189 -2.49 -9.19 -6.43
C LEU B 189 -2.03 -7.98 -7.25
N GLY B 190 -1.50 -8.23 -8.43
CA GLY B 190 -1.21 -7.18 -9.40
C GLY B 190 0.24 -6.78 -9.52
N THR B 191 0.52 -5.99 -10.56
CA THR B 191 1.83 -5.50 -10.89
C THR B 191 2.37 -4.47 -9.90
N LYS B 192 1.50 -3.57 -9.42
CA LYS B 192 1.91 -2.60 -8.41
C LYS B 192 2.32 -3.30 -7.10
N VAL B 193 1.50 -4.26 -6.64
CA VAL B 193 1.84 -5.01 -5.44
C VAL B 193 3.17 -5.73 -5.64
N ARG B 194 3.34 -6.41 -6.77
CA ARG B 194 4.58 -7.17 -7.09
C ARG B 194 5.79 -6.23 -7.11
N THR B 195 5.71 -5.11 -7.82
CA THR B 195 6.81 -4.16 -7.89
C THR B 195 7.20 -3.66 -6.49
N ASN B 196 6.19 -3.33 -5.67
CA ASN B 196 6.44 -2.86 -4.31
C ASN B 196 7.07 -3.95 -3.44
N LEU B 197 6.55 -5.18 -3.54
CA LEU B 197 7.13 -6.30 -2.81
C LEU B 197 8.63 -6.52 -3.16
N ARG B 198 8.96 -6.41 -4.44
CA ARG B 198 10.35 -6.68 -4.93
C ARG B 198 11.28 -5.49 -4.59
N ARG B 199 10.74 -4.38 -4.09
CA ARG B 199 11.52 -3.21 -3.59
C ARG B 199 11.86 -3.40 -2.11
N GLU B 200 11.22 -4.34 -1.42
CA GLU B 200 11.60 -4.71 -0.06
C GLU B 200 12.93 -5.46 -0.12
N PRO B 201 13.66 -5.55 1.01
CA PRO B 201 14.88 -6.36 1.05
C PRO B 201 14.60 -7.87 0.88
N PHE B 202 15.65 -8.65 0.64
CA PHE B 202 15.58 -10.11 0.61
C PHE B 202 16.49 -10.65 1.70
N TYR B 203 16.22 -11.89 2.12
CA TYR B 203 16.81 -12.48 3.34
C TYR B 203 17.57 -13.76 2.99
N LEU B 204 18.73 -13.92 3.64
CA LEU B 204 19.53 -15.11 3.52
C LEU B 204 19.63 -15.70 4.91
N VAL B 205 19.31 -16.98 4.99
CA VAL B 205 19.17 -17.71 6.23
C VAL B 205 20.20 -18.84 6.13
N PRO B 206 20.85 -19.21 7.27
CA PRO B 206 21.91 -20.22 7.25
C PRO B 206 21.37 -21.66 7.18
N LYS B 207 20.49 -21.96 6.22
CA LYS B 207 20.14 -23.33 5.90
C LYS B 207 21.34 -23.77 5.08
N ASN B 208 21.80 -24.99 5.35
CA ASN B 208 22.94 -25.52 4.65
C ASN B 208 22.46 -26.50 3.61
N ALA B 209 23.31 -26.73 2.59
CA ALA B 209 23.03 -27.62 1.47
C ALA B 209 24.09 -28.74 1.43
N PHE B 215 30.66 -26.43 -0.85
CA PHE B 215 30.79 -25.59 0.34
C PHE B 215 29.52 -25.60 1.24
N GLN B 216 29.12 -26.82 1.63
CA GLN B 216 27.94 -27.10 2.45
C GLN B 216 27.73 -26.18 3.63
N GLY B 217 28.77 -26.01 4.46
CA GLY B 217 28.66 -25.27 5.71
C GLY B 217 28.83 -23.77 5.58
N GLU B 218 29.02 -23.29 4.34
CA GLU B 218 29.11 -21.87 4.01
C GLU B 218 27.94 -21.39 3.13
N THR B 219 26.99 -22.30 2.85
CA THR B 219 25.81 -22.00 2.04
C THR B 219 24.71 -21.34 2.88
N TRP B 220 24.10 -20.30 2.30
CA TRP B 220 22.91 -19.67 2.84
C TRP B 220 21.76 -19.93 1.88
N ARG B 221 20.53 -19.85 2.39
CA ARG B 221 19.29 -20.06 1.59
C ARG B 221 18.43 -18.79 1.65
N LEU B 222 17.80 -18.43 0.52
CA LEU B 222 16.87 -17.32 0.45
C LEU B 222 15.64 -17.59 1.31
N SER B 223 15.14 -16.52 1.93
CA SER B 223 13.91 -16.56 2.72
C SER B 223 13.09 -15.35 2.30
N PHE B 224 11.80 -15.62 2.05
CA PHE B 224 10.82 -14.62 1.67
C PHE B 224 9.64 -14.66 2.63
N SER B 225 9.91 -15.04 3.89
CA SER B 225 8.90 -15.09 4.94
C SER B 225 8.19 -13.78 5.15
N HIS B 226 8.91 -12.66 4.96
CA HIS B 226 8.31 -11.34 5.09
C HIS B 226 7.27 -11.10 4.00
N THR B 227 7.60 -11.52 2.78
CA THR B 227 6.70 -11.41 1.64
C THR B 227 5.48 -12.34 1.79
N GLU B 228 5.73 -13.56 2.26
CA GLU B 228 4.69 -14.53 2.51
C GLU B 228 3.67 -14.08 3.55
N LYS B 229 4.15 -13.41 4.59
CA LYS B 229 3.32 -12.80 5.62
C LYS B 229 2.40 -11.73 5.04
N TYR B 230 2.95 -10.82 4.25
CA TYR B 230 2.17 -9.79 3.51
C TYR B 230 1.09 -10.49 2.67
N ILE B 231 1.44 -11.53 1.91
CA ILE B 231 0.49 -12.23 1.07
C ILE B 231 -0.65 -12.80 1.91
N LEU B 232 -0.29 -13.50 3.01
CA LEU B 232 -1.28 -14.14 3.85
C LEU B 232 -2.29 -13.12 4.36
N ASN B 233 -1.81 -11.93 4.71
CA ASN B 233 -2.65 -10.87 5.28
C ASN B 233 -3.20 -9.84 4.27
N ASN B 234 -2.89 -10.05 2.99
CA ASN B 234 -3.37 -9.23 1.87
C ASN B 234 -3.59 -10.12 0.66
N HIS B 235 -4.54 -11.07 0.79
CA HIS B 235 -4.62 -12.27 -0.05
C HIS B 235 -5.71 -12.26 -1.13
N GLY B 236 -6.53 -11.21 -1.15
CA GLY B 236 -7.64 -11.11 -2.09
C GLY B 236 -7.31 -10.33 -3.37
N ILE B 237 -8.12 -10.55 -4.40
CA ILE B 237 -8.08 -9.68 -5.58
C ILE B 237 -8.79 -8.36 -5.28
N GLU B 238 -9.88 -8.42 -4.50
CA GLU B 238 -10.50 -7.24 -3.91
C GLU B 238 -9.76 -6.83 -2.62
N LYS B 239 -9.55 -5.53 -2.47
CA LYS B 239 -8.85 -4.98 -1.31
C LYS B 239 -9.57 -5.25 0.00
N THR B 240 -10.87 -5.52 -0.06
CA THR B 240 -11.70 -5.67 1.11
C THR B 240 -11.89 -7.11 1.52
N CYS B 241 -11.26 -8.06 0.80
CA CYS B 241 -11.36 -9.48 1.14
C CYS B 241 -11.02 -9.65 2.62
N CYS B 242 -11.98 -10.19 3.38
CA CYS B 242 -11.80 -10.57 4.79
C CYS B 242 -11.67 -9.39 5.77
N GLU B 243 -12.02 -8.18 5.32
CA GLU B 243 -12.06 -6.97 6.15
C GLU B 243 -13.47 -6.79 6.70
N SER B 244 -13.64 -5.89 7.66
CA SER B 244 -14.95 -5.66 8.28
C SER B 244 -16.07 -5.11 7.36
N SER B 245 -15.69 -4.35 6.31
CA SER B 245 -16.65 -3.87 5.29
C SER B 245 -16.49 -4.61 3.96
N GLY B 246 -16.00 -5.86 4.06
CA GLY B 246 -15.85 -6.76 2.93
C GLY B 246 -16.46 -8.13 3.16
N ALA B 247 -16.22 -9.03 2.21
CA ALA B 247 -16.73 -10.38 2.24
C ALA B 247 -15.58 -11.30 2.66
N LYS B 248 -15.94 -12.25 3.54
CA LYS B 248 -15.07 -13.28 4.01
C LYS B 248 -14.82 -14.28 2.84
N CYS B 249 -13.58 -14.75 2.70
CA CYS B 249 -13.20 -15.86 1.81
C CYS B 249 -12.76 -17.04 2.67
N CYS B 250 -12.54 -18.21 2.05
CA CYS B 250 -12.14 -19.43 2.76
C CYS B 250 -10.72 -19.86 2.44
N ARG B 251 -9.92 -18.94 1.91
CA ARG B 251 -8.50 -19.19 1.53
C ARG B 251 -7.72 -19.73 2.74
N LYS B 252 -7.79 -19.04 3.89
CA LYS B 252 -6.99 -19.42 5.05
C LYS B 252 -7.49 -20.72 5.64
N GLU B 253 -8.80 -20.92 5.61
CA GLU B 253 -9.45 -22.10 6.15
C GLU B 253 -9.01 -23.35 5.37
N CYS B 254 -8.86 -23.22 4.05
CA CYS B 254 -8.32 -24.28 3.21
C CYS B 254 -6.87 -24.60 3.56
N LEU B 255 -6.05 -23.56 3.74
CA LEU B 255 -4.68 -23.76 4.17
C LEU B 255 -4.65 -24.53 5.49
N LYS B 256 -5.49 -24.12 6.44
CA LYS B 256 -5.58 -24.77 7.75
C LYS B 256 -5.89 -26.27 7.63
N LEU B 257 -6.95 -26.57 6.87
CA LEU B 257 -7.38 -27.94 6.64
C LEU B 257 -6.31 -28.82 6.01
N MET B 258 -5.61 -28.30 5.00
CA MET B 258 -4.55 -29.04 4.32
C MET B 258 -3.36 -29.28 5.27
N LYS B 259 -3.03 -28.25 6.06
CA LYS B 259 -2.02 -28.31 7.09
C LYS B 259 -2.31 -29.38 8.11
N TYR B 260 -3.57 -29.48 8.52
CA TYR B 260 -4.05 -30.47 9.51
C TYR B 260 -3.93 -31.88 8.91
N LEU B 261 -4.38 -32.08 7.67
CA LEU B 261 -4.26 -33.37 7.02
C LEU B 261 -2.81 -33.85 7.09
N LEU B 262 -1.86 -33.00 6.67
CA LEU B 262 -0.45 -33.38 6.68
C LEU B 262 0.07 -33.68 8.11
N GLU B 263 -0.19 -32.77 9.05
CA GLU B 263 0.17 -32.95 10.48
C GLU B 263 -0.31 -34.29 11.05
N GLN B 264 -1.57 -34.62 10.75
CA GLN B 264 -2.19 -35.83 11.27
C GLN B 264 -1.53 -37.05 10.67
N LEU B 265 -1.30 -37.02 9.36
CA LEU B 265 -0.66 -38.12 8.66
C LEU B 265 0.77 -38.31 9.12
N LYS B 266 1.47 -37.19 9.32
CA LYS B 266 2.85 -37.19 9.72
C LYS B 266 3.03 -37.78 11.13
N LYS B 267 2.08 -37.49 12.02
CA LYS B 267 2.11 -38.04 13.38
C LYS B 267 2.00 -39.56 13.38
N GLU B 268 1.24 -40.08 12.42
CA GLU B 268 0.99 -41.51 12.31
C GLU B 268 2.06 -42.27 11.55
N PHE B 269 2.56 -41.67 10.47
CA PHE B 269 3.41 -42.37 9.53
C PHE B 269 4.77 -41.72 9.43
N GLN B 270 5.80 -42.44 9.89
CA GLN B 270 7.17 -41.97 9.89
C GLN B 270 7.75 -41.93 8.45
N GLU B 271 7.13 -42.69 7.53
CA GLU B 271 7.39 -42.58 6.09
C GLU B 271 7.35 -41.16 5.54
N LEU B 272 6.67 -40.25 6.25
CA LEU B 272 6.43 -38.89 5.80
C LEU B 272 7.32 -37.83 6.46
N ASP B 273 8.40 -38.26 7.12
CA ASP B 273 9.35 -37.35 7.77
C ASP B 273 9.78 -36.22 6.84
N ALA B 274 9.98 -36.54 5.56
CA ALA B 274 10.49 -35.61 4.56
C ALA B 274 9.53 -34.47 4.18
N PHE B 275 8.24 -34.66 4.42
CA PHE B 275 7.23 -33.63 4.13
C PHE B 275 7.07 -32.64 5.27
N CYS B 276 6.62 -31.43 4.93
CA CYS B 276 6.49 -30.35 5.90
C CYS B 276 5.42 -29.40 5.45
N SER B 277 4.93 -28.57 6.39
CA SER B 277 3.92 -27.57 6.13
C SER B 277 4.28 -26.60 5.01
N TYR B 278 5.58 -26.35 4.76
CA TYR B 278 6.01 -25.38 3.72
C TYR B 278 5.62 -25.93 2.34
N HIS B 279 5.53 -27.25 2.22
CA HIS B 279 5.13 -27.88 0.97
C HIS B 279 3.68 -27.51 0.67
N VAL B 280 2.83 -27.62 1.71
CA VAL B 280 1.42 -27.27 1.62
C VAL B 280 1.22 -25.77 1.34
N LYS B 281 2.07 -24.93 1.94
CA LYS B 281 1.95 -23.48 1.86
C LYS B 281 2.28 -23.04 0.44
N THR B 282 3.33 -23.65 -0.11
CA THR B 282 3.74 -23.42 -1.48
C THR B 282 2.65 -23.87 -2.46
N ALA B 283 2.06 -25.05 -2.22
CA ALA B 283 1.00 -25.56 -3.08
C ALA B 283 -0.18 -24.61 -3.11
N ILE B 284 -0.61 -24.13 -1.94
CA ILE B 284 -1.76 -23.23 -1.90
C ILE B 284 -1.45 -21.88 -2.54
N PHE B 285 -0.18 -21.43 -2.50
CA PHE B 285 0.22 -20.20 -3.17
C PHE B 285 -0.04 -20.33 -4.67
N HIS B 286 0.27 -21.51 -5.22
CA HIS B 286 0.05 -21.80 -6.63
C HIS B 286 -1.46 -21.85 -6.97
N MET B 287 -2.25 -22.45 -6.08
CA MET B 287 -3.70 -22.52 -6.25
C MET B 287 -4.36 -21.15 -6.13
N TRP B 288 -3.81 -20.30 -5.25
CA TRP B 288 -4.30 -18.93 -5.13
C TRP B 288 -4.02 -18.12 -6.40
N THR B 289 -2.95 -18.48 -7.12
CA THR B 289 -2.59 -17.86 -8.38
C THR B 289 -3.47 -18.40 -9.52
N GLN B 290 -3.73 -19.71 -9.51
CA GLN B 290 -4.58 -20.37 -10.47
C GLN B 290 -6.03 -19.84 -10.44
N ASP B 291 -6.55 -19.65 -9.23
CA ASP B 291 -7.94 -19.23 -8.99
C ASP B 291 -7.88 -17.91 -8.23
N PRO B 292 -7.60 -16.80 -8.92
CA PRO B 292 -7.37 -15.51 -8.27
C PRO B 292 -8.65 -14.84 -7.73
N GLN B 293 -9.82 -15.11 -8.33
CA GLN B 293 -11.07 -14.49 -7.93
C GLN B 293 -11.49 -14.86 -6.52
N ASP B 294 -11.88 -13.86 -5.72
CA ASP B 294 -12.32 -14.09 -4.34
C ASP B 294 -13.56 -14.98 -4.32
N SER B 295 -14.38 -14.89 -5.39
CA SER B 295 -15.61 -15.65 -5.49
C SER B 295 -15.32 -17.14 -5.71
N GLN B 296 -14.11 -17.46 -6.19
CA GLN B 296 -13.66 -18.85 -6.27
C GLN B 296 -13.24 -19.42 -4.91
N TRP B 297 -13.31 -18.58 -3.86
CA TRP B 297 -12.99 -18.98 -2.49
C TRP B 297 -14.11 -18.55 -1.56
N ASP B 298 -15.35 -18.71 -2.01
CA ASP B 298 -16.53 -18.40 -1.21
C ASP B 298 -16.60 -19.36 -0.02
N PRO B 299 -16.89 -18.87 1.19
CA PRO B 299 -17.11 -19.74 2.36
C PRO B 299 -18.09 -20.89 2.10
N ARG B 300 -19.13 -20.64 1.29
CA ARG B 300 -20.16 -21.66 0.93
C ARG B 300 -19.49 -22.78 0.11
N ASN B 301 -18.37 -22.52 -0.56
CA ASN B 301 -17.67 -23.53 -1.37
C ASN B 301 -16.43 -24.18 -0.72
N LEU B 302 -16.39 -24.17 0.62
CA LEU B 302 -15.26 -24.70 1.39
C LEU B 302 -14.85 -26.11 0.92
N SER B 303 -15.84 -26.99 0.74
CA SER B 303 -15.59 -28.37 0.31
C SER B 303 -14.96 -28.43 -1.07
N SER B 304 -15.56 -27.72 -2.03
CA SER B 304 -15.05 -27.68 -3.39
C SER B 304 -13.60 -27.21 -3.33
N CYS B 305 -13.38 -26.09 -2.64
CA CYS B 305 -12.07 -25.45 -2.54
C CYS B 305 -10.99 -26.38 -1.95
N PHE B 306 -11.33 -27.00 -0.83
CA PHE B 306 -10.44 -27.96 -0.19
C PHE B 306 -10.13 -29.12 -1.15
N ASP B 307 -11.18 -29.64 -1.80
CA ASP B 307 -11.03 -30.76 -2.72
C ASP B 307 -10.13 -30.44 -3.93
N LYS B 308 -10.28 -29.23 -4.49
CA LYS B 308 -9.45 -28.85 -5.63
C LYS B 308 -7.98 -28.66 -5.17
N LEU B 309 -7.79 -28.16 -3.95
CA LEU B 309 -6.47 -28.09 -3.34
C LEU B 309 -5.81 -29.46 -3.21
N LEU B 310 -6.59 -30.46 -2.78
CA LEU B 310 -6.12 -31.83 -2.68
C LEU B 310 -5.74 -32.38 -4.02
N ALA B 311 -6.59 -32.12 -5.02
CA ALA B 311 -6.39 -32.62 -6.38
C ALA B 311 -5.08 -32.04 -6.92
N PHE B 312 -4.87 -30.75 -6.68
CA PHE B 312 -3.64 -30.07 -7.10
C PHE B 312 -2.38 -30.65 -6.46
N PHE B 313 -2.45 -30.92 -5.15
CA PHE B 313 -1.35 -31.46 -4.39
C PHE B 313 -1.00 -32.87 -4.86
N LEU B 314 -2.03 -33.66 -5.20
CA LEU B 314 -1.82 -35.00 -5.76
C LEU B 314 -1.09 -34.94 -7.09
N GLU B 315 -1.39 -33.92 -7.89
CA GLU B 315 -0.78 -33.73 -9.21
C GLU B 315 0.70 -33.35 -9.06
N CYS B 316 0.99 -32.53 -8.05
CA CYS B 316 2.37 -32.23 -7.70
C CYS B 316 3.16 -33.49 -7.30
N LEU B 317 2.56 -34.35 -6.49
CA LEU B 317 3.16 -35.61 -6.11
C LEU B 317 3.35 -36.55 -7.30
N ARG B 318 2.31 -36.71 -8.11
CA ARG B 318 2.29 -37.63 -9.28
C ARG B 318 3.39 -37.22 -10.26
N THR B 319 3.49 -35.92 -10.55
CA THR B 319 4.47 -35.39 -11.49
C THR B 319 5.80 -35.02 -10.85
N GLU B 320 5.92 -35.24 -9.54
CA GLU B 320 7.15 -34.99 -8.78
C GLU B 320 7.64 -33.54 -8.94
N LYS B 321 6.69 -32.61 -8.86
CA LYS B 321 6.93 -31.21 -9.17
C LYS B 321 6.12 -30.28 -8.29
N LEU B 322 6.83 -29.49 -7.49
CA LEU B 322 6.26 -28.45 -6.66
C LEU B 322 7.30 -27.34 -6.57
N ASP B 323 7.21 -26.38 -7.49
CA ASP B 323 8.20 -25.32 -7.63
C ASP B 323 8.03 -24.34 -6.50
N HIS B 324 9.17 -23.89 -5.95
CA HIS B 324 9.19 -22.79 -5.01
C HIS B 324 8.47 -21.62 -5.66
N TYR B 325 7.56 -20.95 -4.93
CA TYR B 325 6.72 -19.83 -5.44
C TYR B 325 7.61 -18.65 -5.86
N PHE B 326 8.74 -18.46 -5.17
CA PHE B 326 9.64 -17.33 -5.40
C PHE B 326 10.80 -17.67 -6.32
N ILE B 327 11.09 -18.97 -6.45
CA ILE B 327 12.29 -19.47 -7.12
C ILE B 327 11.88 -20.63 -8.03
N PRO B 328 11.33 -20.32 -9.22
CA PRO B 328 10.65 -21.33 -10.05
C PRO B 328 11.48 -22.57 -10.38
N LYS B 329 12.80 -22.44 -10.53
CA LYS B 329 13.62 -23.56 -10.93
C LYS B 329 13.95 -24.51 -9.80
N PHE B 330 13.64 -24.09 -8.55
CA PHE B 330 13.84 -24.91 -7.36
C PHE B 330 12.61 -25.78 -7.08
N ASN B 331 12.77 -27.08 -7.35
CA ASN B 331 11.71 -28.08 -7.21
C ASN B 331 11.79 -28.77 -5.85
N LEU B 332 10.84 -28.43 -4.98
CA LEU B 332 10.78 -28.98 -3.62
C LEU B 332 10.47 -30.47 -3.60
N PHE B 333 9.93 -30.99 -4.71
CA PHE B 333 9.59 -32.41 -4.85
C PHE B 333 10.52 -33.15 -5.83
N SER B 334 11.77 -32.69 -5.95
CA SER B 334 12.75 -33.38 -6.80
C SER B 334 13.13 -34.70 -6.14
N GLN B 335 13.65 -35.64 -6.94
CA GLN B 335 14.11 -36.94 -6.44
C GLN B 335 15.12 -36.78 -5.31
N GLU B 336 15.99 -35.78 -5.47
CA GLU B 336 17.05 -35.46 -4.54
C GLU B 336 16.63 -35.09 -3.12
N LEU B 337 15.52 -34.36 -2.94
CA LEU B 337 15.04 -33.96 -1.63
C LEU B 337 14.03 -34.96 -1.06
N ILE B 338 13.19 -35.52 -1.93
CA ILE B 338 12.18 -36.50 -1.54
C ILE B 338 12.16 -37.68 -2.50
N ASP B 339 12.32 -38.88 -1.94
CA ASP B 339 12.31 -40.12 -2.69
C ASP B 339 10.93 -40.36 -3.28
N ARG B 340 10.91 -40.96 -4.48
CA ARG B 340 9.68 -41.31 -5.24
C ARG B 340 8.71 -42.07 -4.32
N LYS B 341 9.22 -43.06 -3.58
CA LYS B 341 8.41 -43.90 -2.70
C LYS B 341 7.65 -43.10 -1.66
N SER B 342 8.28 -42.08 -1.08
CA SER B 342 7.64 -41.21 -0.08
C SER B 342 6.45 -40.49 -0.70
N LYS B 343 6.63 -40.00 -1.92
CA LYS B 343 5.59 -39.28 -2.65
C LYS B 343 4.43 -40.20 -2.98
N GLU B 344 4.75 -41.41 -3.40
CA GLU B 344 3.75 -42.42 -3.70
C GLU B 344 3.00 -42.84 -2.44
N PHE B 345 3.72 -42.95 -1.33
CA PHE B 345 3.13 -43.28 -0.05
C PHE B 345 2.12 -42.20 0.37
N LEU B 346 2.56 -40.94 0.39
CA LEU B 346 1.68 -39.82 0.72
C LEU B 346 0.48 -39.70 -0.24
N SER B 347 0.71 -39.98 -1.53
CA SER B 347 -0.35 -39.96 -2.53
C SER B 347 -1.49 -40.93 -2.19
N LYS B 348 -1.12 -42.17 -1.87
CA LYS B 348 -2.09 -43.20 -1.49
C LYS B 348 -2.85 -42.86 -0.21
N LYS B 349 -2.13 -42.29 0.77
CA LYS B 349 -2.76 -41.88 2.03
C LYS B 349 -3.74 -40.73 1.88
N ILE B 350 -3.40 -39.73 1.06
CA ILE B 350 -4.31 -38.60 0.76
C ILE B 350 -5.56 -39.10 0.01
N GLU B 351 -5.34 -39.90 -1.03
CA GLU B 351 -6.41 -40.49 -1.85
C GLU B 351 -7.44 -41.25 -0.99
N TYR B 352 -6.93 -42.04 -0.04
CA TYR B 352 -7.74 -42.81 0.94
C TYR B 352 -8.62 -41.87 1.77
N GLU B 353 -8.01 -40.93 2.48
CA GLU B 353 -8.75 -39.96 3.31
C GLU B 353 -9.86 -39.25 2.51
N ARG B 354 -9.49 -38.77 1.31
CA ARG B 354 -10.38 -38.02 0.36
C ARG B 354 -11.61 -38.87 0.02
N ASN B 355 -11.42 -40.17 -0.22
CA ASN B 355 -12.46 -41.06 -0.69
C ASN B 355 -13.23 -41.77 0.43
N ASN B 356 -12.89 -41.45 1.68
CA ASN B 356 -13.55 -42.05 2.84
C ASN B 356 -14.05 -41.07 3.90
N GLY B 357 -14.20 -39.79 3.53
CA GLY B 357 -14.74 -38.77 4.40
C GLY B 357 -13.77 -38.26 5.45
N PHE B 358 -12.48 -38.40 5.15
CA PHE B 358 -11.41 -37.92 6.03
C PHE B 358 -11.58 -38.45 7.45
N PRO B 359 -11.53 -39.78 7.66
CA PRO B 359 -11.62 -40.34 9.00
C PRO B 359 -10.53 -39.80 9.95
N ILE B 360 -9.38 -39.40 9.42
CA ILE B 360 -8.27 -38.92 10.24
C ILE B 360 -8.55 -37.58 10.94
N PHE B 361 -9.53 -36.82 10.41
CA PHE B 361 -9.97 -35.56 11.02
C PHE B 361 -10.70 -35.80 12.35
N ASP B 362 -11.21 -37.02 12.56
CA ASP B 362 -11.96 -37.40 13.76
C ASP B 362 -11.15 -37.91 14.97
N LYS B 363 -9.83 -38.04 14.82
CA LYS B 363 -8.97 -38.57 15.89
C LYS B 363 -8.38 -37.48 16.78
MG MG G . -4.36 21.35 -12.20
MG MG H . -4.24 24.75 -10.46
ZN ZN I . -9.61 1.20 -13.35
P 5GP J . -9.75 28.77 -6.64
O1P 5GP J . -11.18 29.21 -6.81
O3P 5GP J . -9.26 28.46 -5.24
O5' 5GP J . -8.73 29.84 -7.24
C5' 5GP J . -9.13 30.72 -8.31
C4' 5GP J . -8.19 30.54 -9.48
O4' 5GP J . -8.36 29.20 -10.02
C3' 5GP J . -8.41 31.47 -10.67
O3' 5GP J . -7.20 31.69 -11.40
C2' 5GP J . -9.41 30.67 -11.50
O2' 5GP J . -9.47 31.09 -12.85
C1' 5GP J . -8.82 29.27 -11.35
N9 5GP J . -9.75 28.16 -11.57
C8 5GP J . -11.11 28.12 -11.37
N7 5GP J . -11.64 26.97 -11.70
C5 5GP J . -10.56 26.20 -12.12
C6 5GP J . -10.51 24.87 -12.58
O6 5GP J . -11.45 24.06 -12.71
N1 5GP J . -9.21 24.48 -12.92
C2 5GP J . -8.09 25.28 -12.81
N2 5GP J . -6.91 24.75 -13.18
N3 5GP J . -8.14 26.54 -12.38
C4 5GP J . -9.39 26.92 -12.05
PG GTP K . -7.40 20.77 -13.48
O1G GTP K . -7.36 19.92 -14.73
O2G GTP K . -6.11 21.54 -13.29
O3G GTP K . -8.62 21.63 -13.39
O3B GTP K . -7.51 19.77 -12.20
PB GTP K . -6.75 19.77 -10.79
O1B GTP K . -5.28 19.68 -11.04
O2B GTP K . -7.40 18.80 -9.86
O3A GTP K . -7.07 21.26 -10.32
PA GTP K . -6.27 22.53 -9.74
O1A GTP K . -5.16 22.93 -10.68
O2A GTP K . -5.93 22.30 -8.31
O5' GTP K . -7.42 23.64 -9.82
C5' GTP K . -8.76 23.43 -9.30
C4' GTP K . -9.26 24.73 -8.73
O4' GTP K . -10.43 24.48 -7.88
C3' GTP K . -8.28 25.47 -7.82
O3' GTP K . -7.37 26.27 -8.58
C2' GTP K . -9.22 26.30 -6.96
O2' GTP K . -9.52 27.52 -7.63
C1' GTP K . -10.45 25.41 -6.82
N9 GTP K . -10.50 24.69 -5.55
C8 GTP K . -11.38 24.91 -4.52
N7 GTP K . -11.19 24.13 -3.49
C5 GTP K . -10.10 23.34 -3.85
C6 GTP K . -9.44 22.31 -3.14
O6 GTP K . -9.70 21.87 -2.01
N1 GTP K . -8.38 21.77 -3.89
C2 GTP K . -8.03 22.17 -5.15
N2 GTP K . -6.99 21.53 -5.71
N3 GTP K . -8.64 23.14 -5.82
C4 GTP K . -9.67 23.67 -5.12
MG MG L . 5.74 -22.16 12.41
MG MG M . 9.36 -23.20 12.78
ZN ZN N . -10.12 -13.31 2.24
P 5GP O . 12.72 -28.89 7.66
O1P 5GP O . 12.14 -29.82 6.62
O3P 5GP O . 13.87 -27.97 7.31
O5' 5GP O . 13.19 -29.79 8.92
C5' 5GP O . 13.63 -29.16 10.16
C4' 5GP O . 12.76 -29.66 11.28
O4' 5GP O . 11.49 -28.98 11.22
C3' 5GP O . 12.40 -31.15 11.28
O3' 5GP O . 13.38 -31.93 11.96
C2' 5GP O . 11.09 -31.17 12.06
O2' 5GP O . 11.30 -31.40 13.44
C1' 5GP O . 10.49 -29.79 11.82
N9 5GP O . 9.31 -29.81 10.95
C8 5GP O . 9.02 -30.69 9.93
N7 5GP O . 7.86 -30.44 9.37
C5 5GP O . 7.36 -29.35 10.07
C6 5GP O . 6.15 -28.64 9.91
O6 5GP O . 5.24 -28.86 9.10
N1 5GP O . 6.05 -27.59 10.83
C2 5GP O . 6.98 -27.27 11.78
N2 5GP O . 6.71 -26.23 12.58
N3 5GP O . 8.13 -27.93 11.93
C4 5GP O . 8.25 -28.95 11.05
PG GTP P . 3.57 -24.27 10.99
O1G GTP P . 2.16 -24.03 11.46
O2G GTP P . 4.60 -23.86 12.04
O3G GTP P . 3.78 -25.68 10.49
O3B GTP P . 3.80 -23.29 9.72
PB GTP P . 4.99 -22.27 9.41
O1B GTP P . 5.17 -21.37 10.58
O2B GTP P . 4.87 -21.67 8.04
O3A GTP P . 6.19 -23.34 9.38
PA GTP P . 7.62 -23.32 10.07
O1A GTP P . 7.36 -23.14 11.52
O2A GTP P . 8.48 -22.34 9.34
O5' GTP P . 8.17 -24.81 9.79
C5' GTP P . 7.91 -25.47 8.52
C4' GTP P . 9.04 -26.42 8.22
O4' GTP P . 9.12 -26.63 6.78
C3' GTP P . 10.44 -25.95 8.61
O3' GTP P . 10.71 -26.20 9.97
C2' GTP P . 11.31 -26.77 7.68
O2' GTP P . 11.53 -28.03 8.31
C1' GTP P . 10.45 -26.90 6.41
N9 GTP P . 10.86 -25.99 5.35
C8 GTP P . 11.53 -26.33 4.19
N7 GTP P . 11.81 -25.30 3.43
C5 GTP P . 11.30 -24.21 4.12
C6 GTP P . 11.31 -22.82 3.79
O6 GTP P . 11.75 -22.27 2.78
N1 GTP P . 10.68 -22.06 4.78
C2 GTP P . 10.13 -22.56 5.93
N2 GTP P . 9.57 -21.67 6.77
N3 GTP P . 10.13 -23.85 6.25
C4 GTP P . 10.72 -24.62 5.31
#